data_8YN8
#
_entry.id   8YN8
#
_cell.length_a   1.00
_cell.length_b   1.00
_cell.length_c   1.00
_cell.angle_alpha   90.00
_cell.angle_beta   90.00
_cell.angle_gamma   90.00
#
_symmetry.space_group_name_H-M   'P 1'
#
loop_
_entity.id
_entity.type
_entity.pdbx_description
1 polymer 'Engineered guanine nucleotide-binding protein G(o) subunit alpha,Guanine nucleotide-binding protein G(o) subunit alpha'
2 polymer 'Guanine nucleotide-binding protein G(I)/G(S)/G(T) subunit beta-1'
3 polymer 'Guanine nucleotide-binding protein G(I)/G(S)/G(O) subunit gamma-2'
4 polymer 'Antibody fragment scFv16'
5 polymer 'Histamine H3 receptor'
6 non-polymer 5-(3-phenylmethoxypropyl)-1H-imidazole
7 non-polymer CHOLESTEROL
#
loop_
_entity_poly.entity_id
_entity_poly.type
_entity_poly.pdbx_seq_one_letter_code
_entity_poly.pdbx_strand_id
1 'polypeptide(L)'
;MTLSAEERAALERSKAIEKNLKEDGISAAKDVKLLLLGADNSGKSTIVKQMKIIHGGSGGSGGTTGIVETHFTFKNLHFR
LFDVGGQRSERKKWIHCFEDVTAIIFCVDLSDYNRMHESLMLFDSICNNKFFIDTSIILFLNKKDLFGEKIKKSPLTICF
PEYTGPNTYEDAAAYIQAQFESKNRSPNKEIYCHMTCATDTNNAQVIFDAVTDIIIANNLRGCGLY
;
A
2 'polypeptide(L)'
;MHHHHHHGSSGSELDQLRQEAEQLKNQIRDARKACADATLSQITNNIDPVGRIQMRTRRTLRGHLAKIYAMHWGTDSRLL
VSASQDGKLIIWDSYTTNKVHAIPLRSSWVMTCAYAPSGNYVACGGLDNICSIYNLKTREGNVRVSRELAGHTGYLSCCR
FLDDNQIVTSSGDTTCALWDIETGQQTTTFTGHTGDVMSLSLAPDTRLFVSGACDASAKLWDVREGMCRQTFTGHESDIN
AICFFPNGNAFATGSDDATCRLFDLRADQELMTYSHDNIICGITSVSFSKSGRLLLAGYDDFNCNVWDALKADRAGVLAG
HDNRVSCLGVTDDGMAVATGSWDSFLKIWNGSSGGGGSGGGGSSGVSGWRLFKKIS
;
B
3 'polypeptide(L)' MASNNTASIAQARKLVEQLKMEANIDRIKVSKAAADLMAYCEAHAKEDPLLTPVPASENPFREKKFFCAIL C
4 'polypeptide(L)'
;DVQLVESGGGLVQPGGSRKLSCSASGFAFSSFGMHWVRQAPEKGLEWVAYISSGSGTIYYADTVKGRFTISRDDPKNTLF
LQMTSLRSEDTAMYYCVRSIYYYGSSPFDFWGQGTTLTVSSGGGGSGGGGSGGGGSDIVMTQATSSVPVTPGESVSISCR
SSKSLLHSNGNTYLYWFLQRPGQSPQLLIYRMSNLASGVPDRFSGSGSGTAFTLTISRLEAEDVGVYYCMQHLEYPLTFG
AGTKLELLEENLYFQ
;
E
5 'polypeptide(L)'
;DYKDDDDHHHHHHHHGQPGNGSAFLLAPNGSHAPDHNVTQQRDEENLYFQGVDMERAPPDGPLNASGALAGEAAAAGGAR
GFSAAWTAVLAALMALLIVATVLGNALVMLAFVADSSLRTQNNFFLLNLAISDFLVGAFCIPLYVPYVLTGRWTFGRGLC
KLWLVVDYLLCTSSAFNIVLISYDRFLSVTRAVSYRAQQGDTRRAVRKMLLVWVLAFLLYGPAILSWEYLSGGSSIPEGH
CYAEFFYNWYFLITASTLEFFTPFLSVTFFNLSIYLNIQRRTRLRLDGAREAAGPEPPPEAQPSPPPPPGCWGCWQKGHG
EAMPLHRYGVGEAAVGAEAGEATLGGGGGGGSVASPTSSSGSSSRGTERPRSLKRGSKPSASSASLEKRMKMVSQSFTQR
FRLSRDRKVAKSLAVIVSIFGLCWAPYTLLMIIRAACHGHCVPDYWYETSFWLLWANSAVNPVLYPLCHHSFRRAFTKLL
CPQKLKIQPHSSLEHCWKAAAVFTLEDFVGDWEQTAAYNLDQVLEQGGVSSLLQNLAVSVTPIQRIVRSGENALKIDIHV
IIPYEGLSADQMAQIEEVFKVVYPVDDHHFKVILPYGTLVIDGVTPNMLNYFGRPYEGIAVFDGKKITVTGTLWNGNKII
DERLITPDGSMLFRVTINS
;
R
#
loop_
_chem_comp.id
_chem_comp.type
_chem_comp.name
_chem_comp.formula
A1LY3 non-polymer 5-(3-phenylmethoxypropyl)-1H-imidazole 'C13 H16 N2 O'
CLR non-polymer CHOLESTEROL 'C27 H46 O'
#
# COMPACT_ATOMS: atom_id res chain seq x y z
N THR A 2 21.85 -3.41 -5.98
CA THR A 2 22.28 -4.43 -5.02
C THR A 2 23.76 -4.75 -5.20
N LEU A 3 24.25 -4.61 -6.43
CA LEU A 3 25.64 -4.92 -6.71
C LEU A 3 26.58 -4.00 -5.93
N SER A 4 26.28 -2.71 -5.89
CA SER A 4 27.14 -1.77 -5.18
C SER A 4 27.03 -1.96 -3.67
N ALA A 5 28.08 -1.53 -2.96
CA ALA A 5 28.07 -1.61 -1.51
C ALA A 5 26.99 -0.70 -0.93
N GLU A 6 26.84 0.50 -1.48
CA GLU A 6 25.79 1.41 -1.03
C GLU A 6 24.41 0.93 -1.47
N GLU A 7 24.31 0.31 -2.64
CA GLU A 7 23.02 -0.23 -3.07
C GLU A 7 22.57 -1.38 -2.18
N ARG A 8 23.50 -2.20 -1.69
CA ARG A 8 23.13 -3.29 -0.79
C ARG A 8 22.54 -2.73 0.51
N ALA A 9 23.13 -1.68 1.05
CA ALA A 9 22.58 -1.05 2.25
C ALA A 9 21.28 -0.30 1.95
N ALA A 10 21.17 0.28 0.76
CA ALA A 10 19.90 0.90 0.36
C ALA A 10 18.80 -0.15 0.23
N LEU A 11 19.12 -1.30 -0.35
CA LEU A 11 18.15 -2.40 -0.43
C LEU A 11 17.77 -2.90 0.96
N GLU A 12 18.74 -2.98 1.87
CA GLU A 12 18.46 -3.40 3.24
C GLU A 12 17.54 -2.39 3.94
N ARG A 13 17.76 -1.10 3.70
CA ARG A 13 16.87 -0.09 4.28
C ARG A 13 15.45 -0.25 3.75
N SER A 14 15.31 -0.54 2.46
CA SER A 14 13.97 -0.74 1.89
C SER A 14 13.28 -1.94 2.52
N LYS A 15 14.01 -3.04 2.72
CA LYS A 15 13.42 -4.22 3.35
C LYS A 15 12.97 -3.92 4.77
N ALA A 16 13.75 -3.14 5.52
CA ALA A 16 13.35 -2.74 6.86
C ALA A 16 12.08 -1.90 6.84
N ILE A 17 11.93 -1.06 5.81
CA ILE A 17 10.69 -0.28 5.66
C ILE A 17 9.51 -1.21 5.37
N GLU A 18 9.71 -2.19 4.49
CA GLU A 18 8.63 -3.11 4.15
C GLU A 18 8.15 -3.89 5.39
N LYS A 19 9.08 -4.26 6.27
CA LYS A 19 8.71 -5.01 7.46
C LYS A 19 7.84 -4.18 8.39
N ASN A 20 8.16 -2.89 8.54
CA ASN A 20 7.36 -2.03 9.41
C ASN A 20 5.99 -1.74 8.82
N LEU A 21 5.88 -1.72 7.48
CA LEU A 21 4.59 -1.50 6.86
C LEU A 21 3.62 -2.65 7.14
N LYS A 22 4.13 -3.89 7.12
CA LYS A 22 3.28 -5.03 7.44
C LYS A 22 2.86 -5.03 8.92
N GLU A 23 3.78 -4.69 9.81
CA GLU A 23 3.44 -4.64 11.23
C GLU A 23 2.38 -3.59 11.52
N ASP A 24 2.50 -2.41 10.90
CA ASP A 24 1.49 -1.38 11.08
C ASP A 24 0.14 -1.80 10.48
N GLY A 25 0.17 -2.45 9.31
CA GLY A 25 -1.08 -2.87 8.69
C GLY A 25 -1.81 -3.94 9.48
N ILE A 26 -1.07 -4.86 10.08
CA ILE A 26 -1.69 -5.89 10.91
C ILE A 26 -2.37 -5.26 12.12
N SER A 27 -1.70 -4.30 12.77
CA SER A 27 -2.31 -3.62 13.91
C SER A 27 -3.47 -2.74 13.48
N ALA A 28 -3.43 -2.21 12.25
CA ALA A 28 -4.52 -1.37 11.78
C ALA A 28 -5.77 -2.20 11.47
N ALA A 29 -5.59 -3.42 10.98
CA ALA A 29 -6.73 -4.27 10.64
C ALA A 29 -7.45 -4.81 11.87
N LYS A 30 -6.86 -4.66 13.06
CA LYS A 30 -7.48 -5.12 14.30
C LYS A 30 -8.41 -4.08 14.91
N ASP A 31 -8.56 -2.92 14.29
CA ASP A 31 -9.44 -1.87 14.77
C ASP A 31 -10.76 -1.93 14.03
N VAL A 32 -11.85 -1.66 14.74
CA VAL A 32 -13.18 -1.61 14.17
C VAL A 32 -13.50 -0.16 13.85
N LYS A 33 -13.56 0.17 12.56
CA LYS A 33 -13.83 1.52 12.11
C LYS A 33 -15.33 1.68 11.86
N LEU A 34 -15.91 2.71 12.47
CA LEU A 34 -17.35 2.96 12.40
C LEU A 34 -17.59 4.37 11.88
N LEU A 35 -18.48 4.49 10.91
CA LEU A 35 -18.85 5.80 10.37
C LEU A 35 -20.11 6.29 11.08
N LEU A 36 -20.01 7.46 11.70
CA LEU A 36 -21.11 8.04 12.47
C LEU A 36 -21.85 9.06 11.62
N LEU A 37 -23.14 8.85 11.43
CA LEU A 37 -23.96 9.71 10.60
C LEU A 37 -25.26 10.04 11.34
N GLY A 38 -26.00 10.99 10.79
CA GLY A 38 -27.26 11.40 11.37
C GLY A 38 -27.55 12.85 11.04
N ALA A 39 -28.59 13.38 11.67
CA ALA A 39 -28.99 14.76 11.47
C ALA A 39 -28.00 15.71 12.14
N ASP A 40 -28.27 17.00 12.00
CA ASP A 40 -27.38 18.01 12.58
C ASP A 40 -27.31 17.88 14.10
N ASN A 41 -28.46 17.69 14.75
CA ASN A 41 -28.52 17.46 16.19
C ASN A 41 -29.39 16.22 16.41
N SER A 42 -28.76 15.05 16.38
CA SER A 42 -29.45 13.77 16.57
C SER A 42 -28.83 12.95 17.69
N GLY A 43 -28.02 13.57 18.55
CA GLY A 43 -27.39 12.85 19.64
C GLY A 43 -26.12 12.11 19.29
N LYS A 44 -25.60 12.27 18.07
CA LYS A 44 -24.38 11.57 17.69
C LYS A 44 -23.17 12.07 18.46
N SER A 45 -23.23 13.26 19.04
CA SER A 45 -22.09 13.80 19.77
C SER A 45 -21.81 13.00 21.04
N THR A 46 -22.87 12.52 21.70
CA THR A 46 -22.75 11.77 22.94
C THR A 46 -23.40 10.40 22.80
N ILE A 47 -23.15 9.73 21.68
CA ILE A 47 -23.74 8.40 21.47
C ILE A 47 -23.13 7.38 22.41
N VAL A 48 -21.87 7.56 22.80
CA VAL A 48 -21.20 6.69 23.76
C VAL A 48 -20.56 7.56 24.82
N LYS A 49 -20.77 7.23 26.09
CA LYS A 49 -20.25 8.06 27.17
C LYS A 49 -18.75 7.86 27.36
N GLN A 50 -18.28 6.61 27.26
CA GLN A 50 -16.89 6.30 27.56
C GLN A 50 -15.92 6.67 26.45
N MET A 51 -16.42 7.00 25.26
CA MET A 51 -15.54 7.36 24.16
C MET A 51 -14.91 8.73 24.39
N LYS A 52 -13.67 8.87 23.93
CA LYS A 52 -12.92 10.11 24.05
C LYS A 52 -12.32 10.49 22.70
N ILE A 53 -12.33 11.79 22.40
CA ILE A 53 -11.84 12.26 21.11
C ILE A 53 -10.33 12.14 21.07
N ILE A 54 -9.80 11.56 20.00
CA ILE A 54 -8.37 11.42 19.83
C ILE A 54 -7.84 12.49 18.87
N THR A 65 -14.30 21.54 11.93
CA THR A 65 -14.47 21.69 10.49
C THR A 65 -14.04 20.42 9.76
N GLY A 66 -13.03 19.76 10.29
CA GLY A 66 -12.54 18.51 9.72
C GLY A 66 -13.25 17.30 10.29
N ILE A 67 -12.72 16.13 9.96
CA ILE A 67 -13.27 14.88 10.45
C ILE A 67 -12.86 14.69 11.91
N VAL A 68 -13.83 14.41 12.77
CA VAL A 68 -13.59 14.18 14.19
C VAL A 68 -13.58 12.67 14.42
N GLU A 69 -12.42 12.16 14.84
CA GLU A 69 -12.26 10.73 15.11
C GLU A 69 -12.34 10.49 16.61
N THR A 70 -13.15 9.53 17.01
CA THR A 70 -13.31 9.16 18.40
C THR A 70 -13.09 7.66 18.55
N HIS A 71 -12.33 7.28 19.57
CA HIS A 71 -11.94 5.89 19.76
C HIS A 71 -12.20 5.47 21.20
N PHE A 72 -12.52 4.19 21.38
CA PHE A 72 -12.66 3.59 22.69
C PHE A 72 -12.48 2.09 22.56
N THR A 73 -12.24 1.44 23.69
CA THR A 73 -12.02 0.00 23.75
C THR A 73 -13.11 -0.62 24.61
N PHE A 74 -13.74 -1.69 24.11
CA PHE A 74 -14.81 -2.36 24.82
C PHE A 74 -14.69 -3.87 24.57
N LYS A 75 -14.37 -4.61 25.62
CA LYS A 75 -14.28 -6.07 25.58
C LYS A 75 -13.28 -6.54 24.52
N ASN A 76 -12.03 -6.10 24.69
CA ASN A 76 -10.92 -6.51 23.83
C ASN A 76 -11.17 -6.19 22.36
N LEU A 77 -11.92 -5.12 22.10
CA LEU A 77 -12.19 -4.67 20.74
C LEU A 77 -12.06 -3.16 20.69
N HIS A 78 -11.31 -2.66 19.71
CA HIS A 78 -11.06 -1.23 19.59
C HIS A 78 -11.96 -0.66 18.51
N PHE A 79 -12.77 0.33 18.88
CA PHE A 79 -13.72 0.96 17.98
C PHE A 79 -13.25 2.37 17.62
N ARG A 80 -13.25 2.68 16.33
CA ARG A 80 -12.91 4.01 15.84
C ARG A 80 -14.15 4.62 15.22
N LEU A 81 -14.66 5.68 15.83
CA LEU A 81 -15.87 6.34 15.37
C LEU A 81 -15.49 7.65 14.69
N PHE A 82 -15.94 7.82 13.44
CA PHE A 82 -15.63 8.99 12.65
C PHE A 82 -16.91 9.80 12.46
N ASP A 83 -16.89 11.05 12.90
CA ASP A 83 -18.00 11.97 12.73
C ASP A 83 -17.68 12.93 11.58
N VAL A 84 -18.49 12.89 10.53
CA VAL A 84 -18.26 13.67 9.33
C VAL A 84 -19.20 14.87 9.24
N GLY A 85 -19.85 15.23 10.35
CA GLY A 85 -20.79 16.34 10.33
C GLY A 85 -20.14 17.69 10.13
N GLY A 86 -18.85 17.81 10.41
CA GLY A 86 -18.15 19.07 10.22
C GLY A 86 -17.83 19.40 8.78
N GLN A 87 -17.92 18.43 7.88
CA GLN A 87 -17.65 18.65 6.46
C GLN A 87 -18.93 19.16 5.80
N ARG A 88 -18.97 20.46 5.54
CA ARG A 88 -20.11 21.09 4.86
C ARG A 88 -20.02 21.01 3.35
N SER A 89 -18.96 20.41 2.82
CA SER A 89 -18.78 20.28 1.37
C SER A 89 -19.69 19.17 0.83
N GLU A 90 -19.56 18.86 -0.45
CA GLU A 90 -20.38 17.83 -1.06
C GLU A 90 -19.98 16.46 -0.53
N ARG A 91 -20.96 15.71 -0.03
CA ARG A 91 -20.67 14.44 0.62
C ARG A 91 -20.19 13.39 -0.38
N LYS A 92 -20.78 13.35 -1.56
CA LYS A 92 -20.44 12.31 -2.52
C LYS A 92 -19.06 12.50 -3.15
N LYS A 93 -18.29 13.50 -2.73
CA LYS A 93 -16.91 13.65 -3.19
C LYS A 93 -15.91 13.02 -2.22
N TRP A 94 -16.30 12.76 -0.98
CA TRP A 94 -15.42 12.17 0.01
C TRP A 94 -16.04 11.02 0.78
N ILE A 95 -17.26 10.60 0.43
CA ILE A 95 -17.90 9.50 1.15
C ILE A 95 -17.29 8.16 0.78
N HIS A 96 -16.60 8.06 -0.37
CA HIS A 96 -15.94 6.82 -0.74
C HIS A 96 -14.70 6.55 0.09
N CYS A 97 -14.22 7.53 0.86
CA CYS A 97 -13.09 7.28 1.75
C CYS A 97 -13.44 6.33 2.89
N PHE A 98 -14.73 6.10 3.14
CA PHE A 98 -15.19 5.19 4.18
C PHE A 98 -15.81 3.93 3.61
N GLU A 99 -15.44 3.56 2.37
CA GLU A 99 -16.02 2.38 1.75
C GLU A 99 -15.66 1.10 2.50
N ASP A 100 -14.53 1.10 3.21
CA ASP A 100 -14.08 -0.06 3.97
C ASP A 100 -14.42 0.06 5.45
N VAL A 101 -15.55 0.68 5.77
CA VAL A 101 -15.99 0.83 7.14
C VAL A 101 -16.69 -0.44 7.61
N THR A 102 -16.48 -0.81 8.87
CA THR A 102 -17.10 -2.02 9.40
C THR A 102 -18.61 -1.89 9.46
N ALA A 103 -19.09 -0.77 9.98
CA ALA A 103 -20.53 -0.54 10.10
C ALA A 103 -20.78 0.96 10.16
N ILE A 104 -22.03 1.33 9.95
CA ILE A 104 -22.47 2.72 9.99
C ILE A 104 -23.41 2.89 11.18
N ILE A 105 -23.13 3.88 12.01
CA ILE A 105 -24.00 4.23 13.13
C ILE A 105 -24.82 5.42 12.72
N PHE A 106 -26.13 5.24 12.60
CA PHE A 106 -27.05 6.29 12.20
C PHE A 106 -27.90 6.69 13.39
N CYS A 107 -27.90 7.98 13.72
CA CYS A 107 -28.62 8.50 14.88
C CYS A 107 -29.82 9.31 14.40
N VAL A 108 -30.98 9.00 14.95
CA VAL A 108 -32.23 9.71 14.62
C VAL A 108 -32.87 10.16 15.93
N ASP A 109 -33.24 11.43 16.00
CA ASP A 109 -33.90 11.99 17.17
C ASP A 109 -35.41 11.82 16.99
N LEU A 110 -36.04 11.10 17.92
CA LEU A 110 -37.48 10.86 17.85
C LEU A 110 -38.31 12.02 18.39
N SER A 111 -37.68 13.02 19.01
CA SER A 111 -38.40 14.15 19.58
C SER A 111 -38.40 15.37 18.68
N ASP A 112 -37.94 15.23 17.43
CA ASP A 112 -37.87 16.35 16.50
C ASP A 112 -38.61 15.94 15.21
N TYR A 113 -39.84 16.42 15.05
CA TYR A 113 -40.62 16.11 13.87
C TYR A 113 -40.16 16.88 12.64
N ASN A 114 -39.62 18.09 12.82
CA ASN A 114 -39.19 18.89 11.68
C ASN A 114 -38.03 18.22 10.95
N ARG A 115 -37.08 17.66 11.70
CA ARG A 115 -35.93 16.98 11.11
C ARG A 115 -36.16 15.48 10.91
N MET A 116 -37.36 14.98 11.22
CA MET A 116 -37.64 13.56 11.03
C MET A 116 -37.59 13.20 9.56
N HIS A 117 -38.26 13.98 8.70
CA HIS A 117 -38.22 13.72 7.27
C HIS A 117 -36.84 14.01 6.67
N GLU A 118 -36.04 14.86 7.31
CA GLU A 118 -34.67 15.05 6.86
C GLU A 118 -33.85 13.78 7.05
N SER A 119 -34.06 13.08 8.17
CA SER A 119 -33.33 11.84 8.42
C SER A 119 -33.75 10.74 7.45
N LEU A 120 -35.03 10.71 7.09
CA LEU A 120 -35.52 9.66 6.19
C LEU A 120 -34.84 9.75 4.83
N MET A 121 -34.72 10.95 4.27
CA MET A 121 -34.06 11.08 2.98
C MET A 121 -32.55 10.94 3.11
N LEU A 122 -32.00 11.34 4.26
CA LEU A 122 -30.57 11.11 4.51
C LEU A 122 -30.29 9.62 4.65
N PHE A 123 -31.17 8.88 5.31
CA PHE A 123 -30.98 7.44 5.45
C PHE A 123 -31.07 6.73 4.12
N ASP A 124 -31.99 7.15 3.26
CA ASP A 124 -32.19 6.46 1.98
C ASP A 124 -30.95 6.57 1.10
N SER A 125 -30.34 7.75 1.03
CA SER A 125 -29.17 7.94 0.18
C SER A 125 -27.99 7.11 0.69
N ILE A 126 -27.76 7.10 2.00
CA ILE A 126 -26.64 6.35 2.56
C ILE A 126 -26.90 4.85 2.46
N CYS A 127 -28.13 4.42 2.76
CA CYS A 127 -28.43 2.99 2.73
C CYS A 127 -28.29 2.42 1.33
N ASN A 128 -28.69 3.18 0.31
CA ASN A 128 -28.61 2.73 -1.07
C ASN A 128 -27.43 3.32 -1.82
N ASN A 129 -26.43 3.81 -1.09
CA ASN A 129 -25.24 4.36 -1.73
C ASN A 129 -24.46 3.25 -2.45
N LYS A 130 -23.79 3.63 -3.53
CA LYS A 130 -23.05 2.66 -4.33
C LYS A 130 -21.83 2.12 -3.61
N PHE A 131 -21.32 2.84 -2.61
CA PHE A 131 -20.15 2.43 -1.85
C PHE A 131 -20.50 1.71 -0.56
N PHE A 132 -21.78 1.59 -0.23
CA PHE A 132 -22.21 0.98 1.03
C PHE A 132 -23.28 -0.06 0.77
N ILE A 133 -23.09 -0.88 -0.26
CA ILE A 133 -24.07 -1.92 -0.57
C ILE A 133 -24.03 -3.01 0.49
N ASP A 134 -22.84 -3.45 0.87
CA ASP A 134 -22.67 -4.55 1.83
C ASP A 134 -22.35 -4.05 3.23
N THR A 135 -22.52 -2.76 3.50
CA THR A 135 -22.21 -2.21 4.81
C THR A 135 -23.46 -2.20 5.68
N SER A 136 -23.37 -2.83 6.85
CA SER A 136 -24.49 -2.87 7.77
C SER A 136 -24.66 -1.51 8.45
N ILE A 137 -25.85 -1.29 9.00
CA ILE A 137 -26.20 -0.02 9.63
C ILE A 137 -26.69 -0.31 11.04
N ILE A 138 -26.17 0.42 12.01
CA ILE A 138 -26.64 0.34 13.40
C ILE A 138 -27.48 1.58 13.65
N LEU A 139 -28.79 1.45 13.45
CA LEU A 139 -29.70 2.58 13.59
C LEU A 139 -29.95 2.86 15.06
N PHE A 140 -29.84 4.13 15.45
CA PHE A 140 -30.09 4.57 16.81
C PHE A 140 -31.25 5.57 16.79
N LEU A 141 -32.27 5.31 17.61
CA LEU A 141 -33.42 6.19 17.75
C LEU A 141 -33.34 6.79 19.16
N ASN A 142 -32.71 7.94 19.27
CA ASN A 142 -32.42 8.57 20.55
C ASN A 142 -33.65 9.31 21.08
N LYS A 143 -33.55 9.71 22.35
CA LYS A 143 -34.56 10.51 23.03
C LYS A 143 -35.94 9.82 23.00
N LYS A 144 -35.95 8.50 23.21
CA LYS A 144 -37.22 7.78 23.21
C LYS A 144 -38.07 8.12 24.42
N ASP A 145 -37.46 8.59 25.52
CA ASP A 145 -38.23 9.00 26.67
C ASP A 145 -38.94 10.33 26.42
N LEU A 146 -38.25 11.27 25.76
CA LEU A 146 -38.90 12.52 25.39
C LEU A 146 -39.97 12.29 24.32
N PHE A 147 -39.73 11.33 23.43
CA PHE A 147 -40.74 11.00 22.42
C PHE A 147 -42.01 10.48 23.06
N GLY A 148 -41.89 9.64 24.09
CA GLY A 148 -43.06 9.14 24.78
C GLY A 148 -43.80 10.24 25.52
N GLU A 149 -43.06 11.15 26.14
CA GLU A 149 -43.70 12.26 26.83
C GLU A 149 -44.38 13.21 25.85
N LYS A 150 -43.76 13.46 24.70
CA LYS A 150 -44.29 14.40 23.73
C LYS A 150 -45.33 13.78 22.79
N ILE A 151 -45.46 12.45 22.76
CA ILE A 151 -46.46 11.82 21.92
C ILE A 151 -47.86 12.03 22.45
N LYS A 152 -48.01 12.45 23.71
CA LYS A 152 -49.33 12.69 24.27
C LYS A 152 -50.00 13.90 23.63
N LYS A 153 -49.36 15.07 23.75
CA LYS A 153 -49.95 16.29 23.19
C LYS A 153 -49.81 16.32 21.67
N SER A 154 -48.67 15.91 21.14
CA SER A 154 -48.43 15.97 19.70
C SER A 154 -48.55 14.57 19.12
N PRO A 155 -49.58 14.28 18.32
CA PRO A 155 -49.70 12.95 17.71
C PRO A 155 -48.63 12.73 16.65
N LEU A 156 -48.36 11.46 16.39
CA LEU A 156 -47.40 11.09 15.36
C LEU A 156 -47.89 11.43 13.96
N THR A 157 -49.19 11.69 13.79
CA THR A 157 -49.71 12.02 12.47
C THR A 157 -49.23 13.37 11.97
N ILE A 158 -48.68 14.21 12.85
CA ILE A 158 -48.18 15.51 12.42
C ILE A 158 -47.00 15.34 11.46
N CYS A 159 -46.06 14.48 11.82
CA CYS A 159 -44.89 14.26 10.98
C CYS A 159 -45.17 13.24 9.87
N PHE A 160 -45.99 12.23 10.16
CA PHE A 160 -46.38 11.23 9.17
C PHE A 160 -47.88 11.32 8.94
N PRO A 161 -48.32 12.06 7.92
CA PRO A 161 -49.76 12.13 7.63
C PRO A 161 -50.38 10.79 7.29
N GLU A 162 -49.63 9.90 6.64
CA GLU A 162 -50.17 8.61 6.24
C GLU A 162 -50.29 7.63 7.40
N TYR A 163 -49.76 7.96 8.58
CA TYR A 163 -49.86 7.07 9.72
C TYR A 163 -51.30 6.97 10.19
N THR A 164 -51.79 5.73 10.35
CA THR A 164 -53.17 5.49 10.77
C THR A 164 -53.25 4.56 11.97
N GLY A 165 -52.12 4.18 12.57
CA GLY A 165 -52.12 3.28 13.69
C GLY A 165 -52.48 3.96 14.99
N PRO A 166 -52.45 3.19 16.07
CA PRO A 166 -52.76 3.75 17.38
C PRO A 166 -51.71 4.76 17.83
N ASN A 167 -52.14 5.66 18.72
CA ASN A 167 -51.29 6.73 19.22
C ASN A 167 -50.47 6.31 20.44
N THR A 168 -50.50 5.03 20.80
CA THR A 168 -49.73 4.56 21.94
C THR A 168 -48.23 4.67 21.66
N TYR A 169 -47.45 4.77 22.73
CA TYR A 169 -46.01 4.96 22.59
C TYR A 169 -45.34 3.77 21.91
N GLU A 170 -45.76 2.56 22.27
CA GLU A 170 -45.10 1.36 21.72
C GLU A 170 -45.28 1.26 20.21
N ASP A 171 -46.49 1.52 19.72
CA ASP A 171 -46.73 1.43 18.28
C ASP A 171 -46.17 2.63 17.53
N ALA A 172 -46.19 3.82 18.13
CA ALA A 172 -45.66 5.00 17.44
C ALA A 172 -44.17 4.87 17.20
N ALA A 173 -43.41 4.38 18.19
CA ALA A 173 -41.98 4.19 18.00
C ALA A 173 -41.70 3.08 16.99
N ALA A 174 -42.51 2.02 17.01
CA ALA A 174 -42.32 0.92 16.06
C ALA A 174 -42.59 1.36 14.63
N TYR A 175 -43.58 2.24 14.44
CA TYR A 175 -43.87 2.72 13.09
C TYR A 175 -42.71 3.53 12.52
N ILE A 176 -42.07 4.35 13.35
CA ILE A 176 -40.93 5.14 12.88
C ILE A 176 -39.78 4.22 12.48
N GLN A 177 -39.53 3.18 13.30
CA GLN A 177 -38.46 2.24 12.98
C GLN A 177 -38.73 1.51 11.67
N ALA A 178 -39.99 1.12 11.43
CA ALA A 178 -40.33 0.43 10.19
C ALA A 178 -40.17 1.35 8.98
N GLN A 179 -40.31 2.66 9.17
CA GLN A 179 -40.10 3.60 8.07
C GLN A 179 -38.66 3.57 7.58
N PHE A 180 -37.70 3.53 8.50
CA PHE A 180 -36.30 3.53 8.11
C PHE A 180 -35.90 2.21 7.48
N GLU A 181 -36.33 1.09 8.06
CA GLU A 181 -35.97 -0.21 7.52
C GLU A 181 -36.61 -0.46 6.16
N SER A 182 -37.65 0.29 5.80
CA SER A 182 -38.23 0.19 4.47
C SER A 182 -37.35 0.82 3.40
N LYS A 183 -36.38 1.66 3.80
CA LYS A 183 -35.46 2.26 2.84
C LYS A 183 -34.43 1.28 2.32
N ASN A 184 -34.25 0.15 3.00
CA ASN A 184 -33.24 -0.83 2.60
C ASN A 184 -33.81 -1.70 1.49
N ARG A 185 -33.25 -1.56 0.28
CA ARG A 185 -33.67 -2.35 -0.87
C ARG A 185 -32.73 -3.51 -1.17
N SER A 186 -31.69 -3.70 -0.36
CA SER A 186 -30.73 -4.77 -0.57
C SER A 186 -30.93 -5.85 0.48
N PRO A 187 -31.31 -7.08 0.10
CA PRO A 187 -31.49 -8.13 1.11
C PRO A 187 -30.20 -8.50 1.85
N ASN A 188 -29.04 -8.21 1.28
CA ASN A 188 -27.78 -8.59 1.94
C ASN A 188 -27.42 -7.67 3.09
N LYS A 189 -28.10 -6.53 3.22
CA LYS A 189 -27.77 -5.55 4.25
C LYS A 189 -28.64 -5.79 5.48
N GLU A 190 -28.01 -5.75 6.65
CA GLU A 190 -28.70 -5.96 7.92
C GLU A 190 -28.66 -4.67 8.72
N ILE A 191 -29.83 -4.26 9.21
CA ILE A 191 -29.96 -3.01 9.96
C ILE A 191 -30.27 -3.37 11.41
N TYR A 192 -29.48 -2.83 12.33
CA TYR A 192 -29.61 -3.11 13.76
C TYR A 192 -30.21 -1.89 14.44
N CYS A 193 -31.54 -1.90 14.62
CA CYS A 193 -32.24 -0.80 15.24
C CYS A 193 -32.23 -0.94 16.76
N HIS A 194 -32.17 0.19 17.45
CA HIS A 194 -32.16 0.21 18.90
C HIS A 194 -32.84 1.47 19.41
N MET A 195 -33.71 1.31 20.40
CA MET A 195 -34.38 2.43 21.06
C MET A 195 -33.61 2.78 22.32
N THR A 196 -33.07 4.00 22.35
CA THR A 196 -32.21 4.44 23.45
C THR A 196 -32.73 5.76 24.01
N CYS A 197 -32.32 6.06 25.24
CA CYS A 197 -32.67 7.28 25.93
C CYS A 197 -31.47 8.21 26.02
N ALA A 198 -31.68 9.37 26.61
CA ALA A 198 -30.57 10.29 26.86
C ALA A 198 -29.71 9.83 28.03
N THR A 199 -30.31 9.17 29.02
CA THR A 199 -29.60 8.68 30.18
C THR A 199 -29.12 7.23 30.02
N ASP A 200 -29.38 6.62 28.86
CA ASP A 200 -28.95 5.24 28.63
C ASP A 200 -27.43 5.16 28.59
N THR A 201 -26.88 4.12 29.23
CA THR A 201 -25.44 3.98 29.35
C THR A 201 -24.95 2.61 28.86
N ASN A 202 -25.74 1.92 28.04
CA ASN A 202 -25.34 0.63 27.50
C ASN A 202 -25.26 0.66 25.98
N ASN A 203 -25.05 1.85 25.39
CA ASN A 203 -24.95 1.95 23.94
C ASN A 203 -23.70 1.27 23.40
N ALA A 204 -22.64 1.20 24.21
CA ALA A 204 -21.45 0.48 23.80
C ALA A 204 -21.73 -1.01 23.64
N GLN A 205 -22.53 -1.59 24.54
CA GLN A 205 -22.89 -2.99 24.43
C GLN A 205 -23.73 -3.24 23.17
N VAL A 206 -24.65 -2.33 22.85
CA VAL A 206 -25.47 -2.48 21.66
C VAL A 206 -24.60 -2.47 20.41
N ILE A 207 -23.66 -1.54 20.35
CA ILE A 207 -22.74 -1.50 19.21
C ILE A 207 -21.87 -2.75 19.18
N PHE A 208 -21.36 -3.17 20.34
CA PHE A 208 -20.51 -4.36 20.40
C PHE A 208 -21.27 -5.61 19.96
N ASP A 209 -22.52 -5.75 20.39
CA ASP A 209 -23.32 -6.89 19.97
C ASP A 209 -23.58 -6.87 18.47
N ALA A 210 -23.85 -5.69 17.92
CA ALA A 210 -24.10 -5.58 16.49
C ALA A 210 -22.83 -5.81 15.68
N VAL A 211 -21.70 -5.28 16.16
CA VAL A 211 -20.43 -5.46 15.46
C VAL A 211 -20.00 -6.93 15.50
N THR A 212 -20.24 -7.60 16.63
CA THR A 212 -19.89 -9.02 16.74
C THR A 212 -20.63 -9.85 15.71
N ASP A 213 -21.92 -9.54 15.49
CA ASP A 213 -22.67 -10.25 14.47
C ASP A 213 -22.12 -9.97 13.08
N ILE A 214 -21.69 -8.72 12.84
CA ILE A 214 -21.10 -8.37 11.55
C ILE A 214 -19.76 -9.08 11.36
N ILE A 215 -18.96 -9.16 12.43
CA ILE A 215 -17.66 -9.80 12.34
C ILE A 215 -17.81 -11.28 11.99
N ILE A 216 -18.79 -11.95 12.60
CA ILE A 216 -19.03 -13.36 12.32
C ILE A 216 -19.40 -13.56 10.85
N ALA A 217 -20.26 -12.68 10.31
CA ALA A 217 -20.58 -12.75 8.90
C ALA A 217 -19.34 -12.51 8.04
N ASN A 218 -18.46 -11.61 8.48
CA ASN A 218 -17.20 -11.39 7.78
C ASN A 218 -16.29 -12.61 7.91
N ASN A 219 -16.21 -13.18 9.12
CA ASN A 219 -15.38 -14.35 9.33
C ASN A 219 -15.87 -15.53 8.48
N LEU A 220 -17.19 -15.71 8.40
CA LEU A 220 -17.73 -16.81 7.61
C LEU A 220 -17.38 -16.63 6.13
N ARG A 221 -17.39 -15.40 5.64
CA ARG A 221 -16.86 -15.13 4.30
C ARG A 221 -15.36 -15.42 4.25
N GLY A 222 -14.64 -15.08 5.33
CA GLY A 222 -13.20 -15.32 5.33
C GLY A 222 -12.83 -16.79 5.35
N CYS A 223 -13.61 -17.60 6.06
CA CYS A 223 -13.33 -19.03 6.16
C CYS A 223 -13.95 -19.83 5.02
N GLY A 224 -14.64 -19.17 4.09
CA GLY A 224 -15.16 -19.83 2.92
C GLY A 224 -16.50 -20.52 3.09
N LEU A 225 -17.09 -20.50 4.28
CA LEU A 225 -18.42 -21.08 4.46
C LEU A 225 -19.48 -20.31 3.68
N TYR A 226 -19.37 -18.99 3.63
CA TYR A 226 -20.30 -18.19 2.83
C TYR A 226 -19.89 -18.21 1.36
N SER B 12 -35.45 45.37 -6.91
CA SER B 12 -35.25 46.39 -7.94
C SER B 12 -33.80 46.44 -8.40
N GLU B 13 -32.91 46.88 -7.50
CA GLU B 13 -31.50 46.95 -7.83
C GLU B 13 -30.91 45.56 -8.07
N LEU B 14 -31.30 44.58 -7.24
CA LEU B 14 -30.80 43.22 -7.41
C LEU B 14 -31.28 42.61 -8.72
N ASP B 15 -32.55 42.81 -9.06
CA ASP B 15 -33.08 42.28 -10.31
C ASP B 15 -32.40 42.89 -11.53
N GLN B 16 -32.15 44.20 -11.49
CA GLN B 16 -31.47 44.86 -12.61
C GLN B 16 -30.05 44.35 -12.77
N LEU B 17 -29.33 44.16 -11.66
CA LEU B 17 -27.94 43.74 -11.75
C LEU B 17 -27.81 42.32 -12.30
N ARG B 18 -28.66 41.39 -11.84
CA ARG B 18 -28.58 40.03 -12.34
C ARG B 18 -28.99 39.90 -13.80
N GLN B 19 -29.75 40.87 -14.32
CA GLN B 19 -30.01 40.89 -15.76
C GLN B 19 -28.78 41.32 -16.53
N GLU B 20 -27.98 42.24 -15.97
CA GLU B 20 -26.75 42.66 -16.63
C GLU B 20 -25.74 41.54 -16.70
N ALA B 21 -25.72 40.65 -15.69
CA ALA B 21 -24.83 39.50 -15.73
C ALA B 21 -25.16 38.58 -16.90
N GLU B 22 -26.45 38.36 -17.15
CA GLU B 22 -26.86 37.54 -18.29
C GLU B 22 -26.42 38.18 -19.61
N GLN B 23 -26.52 39.51 -19.71
CA GLN B 23 -26.05 40.19 -20.91
C GLN B 23 -24.54 40.02 -21.07
N LEU B 24 -23.80 40.10 -19.97
CA LEU B 24 -22.36 39.91 -20.05
C LEU B 24 -22.00 38.48 -20.44
N LYS B 25 -22.75 37.49 -19.93
CA LYS B 25 -22.50 36.11 -20.31
C LYS B 25 -22.75 35.91 -21.79
N ASN B 26 -23.81 36.52 -22.32
CA ASN B 26 -24.07 36.43 -23.76
C ASN B 26 -22.98 37.14 -24.55
N GLN B 27 -22.46 38.25 -24.03
CA GLN B 27 -21.38 38.96 -24.70
C GLN B 27 -20.13 38.09 -24.81
N ILE B 28 -19.79 37.39 -23.73
CA ILE B 28 -18.63 36.50 -23.75
C ILE B 28 -18.89 35.33 -24.69
N ARG B 29 -20.09 34.74 -24.63
CA ARG B 29 -20.41 33.61 -25.49
C ARG B 29 -20.38 34.01 -26.95
N ASP B 30 -20.88 35.20 -27.29
CA ASP B 30 -20.79 35.69 -28.65
C ASP B 30 -19.34 35.95 -29.05
N ALA B 31 -18.53 36.46 -28.11
CA ALA B 31 -17.13 36.74 -28.41
C ALA B 31 -16.37 35.46 -28.70
N ARG B 32 -16.63 34.40 -27.92
CA ARG B 32 -15.98 33.12 -28.18
C ARG B 32 -16.43 32.52 -29.50
N LYS B 33 -17.72 32.65 -29.81
CA LYS B 33 -18.23 32.13 -31.08
C LYS B 33 -17.64 32.89 -32.27
N ALA B 34 -17.31 34.17 -32.09
CA ALA B 34 -16.74 34.96 -33.17
C ALA B 34 -15.37 34.42 -33.58
N CYS B 35 -14.55 34.03 -32.61
CA CYS B 35 -13.21 33.52 -32.89
C CYS B 35 -13.18 32.01 -33.10
N ALA B 36 -14.33 31.34 -33.08
CA ALA B 36 -14.40 29.91 -33.35
C ALA B 36 -14.52 29.64 -34.85
N ASP B 37 -13.54 30.16 -35.58
CA ASP B 37 -13.55 30.04 -37.04
C ASP B 37 -13.42 28.59 -37.48
N ALA B 38 -12.55 27.82 -36.84
CA ALA B 38 -12.30 26.44 -37.21
C ALA B 38 -12.36 25.56 -35.96
N THR B 39 -12.20 24.26 -36.18
CA THR B 39 -12.15 23.28 -35.10
C THR B 39 -10.77 22.62 -35.07
N LEU B 40 -10.31 22.30 -33.86
CA LEU B 40 -9.05 21.57 -33.71
C LEU B 40 -9.08 20.25 -34.48
N SER B 41 -10.25 19.59 -34.52
CA SER B 41 -10.36 18.35 -35.28
C SER B 41 -10.09 18.57 -36.76
N GLN B 42 -10.64 19.66 -37.32
CA GLN B 42 -10.39 19.97 -38.73
C GLN B 42 -8.91 20.30 -38.96
N ILE B 43 -8.29 21.02 -38.03
CA ILE B 43 -6.90 21.43 -38.21
C ILE B 43 -5.98 20.23 -38.24
N THR B 44 -6.20 19.26 -37.36
CA THR B 44 -5.30 18.12 -37.20
C THR B 44 -5.79 16.89 -37.95
N ASN B 45 -6.70 17.08 -38.92
CA ASN B 45 -7.19 15.93 -39.69
C ASN B 45 -6.10 15.37 -40.60
N ASN B 46 -5.26 16.26 -41.17
CA ASN B 46 -4.27 15.81 -42.15
C ASN B 46 -3.15 15.00 -41.52
N ILE B 47 -2.76 15.34 -40.28
CA ILE B 47 -1.60 14.68 -39.67
C ILE B 47 -1.91 13.20 -39.43
N ASP B 48 -0.86 12.38 -39.50
CA ASP B 48 -1.03 10.95 -39.33
C ASP B 48 -1.31 10.63 -37.86
N PRO B 49 -2.04 9.54 -37.59
CA PRO B 49 -2.29 9.16 -36.20
C PRO B 49 -1.04 8.61 -35.54
N VAL B 50 -1.06 8.60 -34.20
CA VAL B 50 0.05 8.07 -33.43
C VAL B 50 0.14 6.55 -33.49
N GLY B 51 -0.86 5.89 -34.07
CA GLY B 51 -0.87 4.45 -34.09
C GLY B 51 -1.36 3.88 -32.76
N ARG B 52 -1.02 2.62 -32.54
CA ARG B 52 -1.35 1.94 -31.28
C ARG B 52 -0.22 2.14 -30.29
N ILE B 53 -0.56 2.62 -29.10
CA ILE B 53 0.40 2.84 -28.02
C ILE B 53 0.34 1.64 -27.10
N GLN B 54 1.42 0.86 -27.07
CA GLN B 54 1.52 -0.32 -26.22
C GLN B 54 2.53 -0.04 -25.11
N MET B 55 2.08 -0.10 -23.87
CA MET B 55 2.93 0.09 -22.71
C MET B 55 2.85 -1.13 -21.80
N ARG B 56 4.01 -1.54 -21.29
CA ARG B 56 4.09 -2.67 -20.37
C ARG B 56 4.38 -2.17 -18.97
N THR B 57 3.96 -2.97 -17.98
CA THR B 57 4.25 -2.67 -16.58
C THR B 57 5.71 -3.03 -16.32
N ARG B 58 6.56 -2.00 -16.23
CA ARG B 58 7.96 -2.23 -15.92
C ARG B 58 8.16 -2.48 -14.43
N ARG B 59 7.44 -1.76 -13.59
CA ARG B 59 7.58 -1.87 -12.14
C ARG B 59 6.21 -1.94 -11.51
N THR B 60 6.12 -2.68 -10.40
CA THR B 60 4.96 -2.67 -9.53
C THR B 60 5.42 -2.32 -8.13
N LEU B 61 4.89 -1.23 -7.59
CA LEU B 61 5.24 -0.75 -6.26
C LEU B 61 4.23 -1.29 -5.26
N ARG B 62 4.67 -2.20 -4.40
CA ARG B 62 3.83 -2.86 -3.42
C ARG B 62 4.24 -2.41 -2.02
N GLY B 63 3.26 -2.34 -1.12
CA GLY B 63 3.53 -1.92 0.23
C GLY B 63 2.44 -1.07 0.84
N HIS B 64 1.72 -0.31 0.02
CA HIS B 64 0.50 0.32 0.48
C HIS B 64 -0.56 -0.74 0.78
N LEU B 65 -1.23 -0.59 1.93
CA LEU B 65 -2.21 -1.56 2.37
C LEU B 65 -3.64 -1.03 2.31
N ALA B 66 -3.86 0.06 1.58
CA ALA B 66 -5.18 0.64 1.42
C ALA B 66 -5.24 1.34 0.08
N LYS B 67 -6.38 2.00 -0.18
CA LYS B 67 -6.55 2.74 -1.42
C LYS B 67 -5.48 3.82 -1.57
N ILE B 68 -4.80 3.82 -2.71
CA ILE B 68 -3.90 4.92 -3.05
C ILE B 68 -4.73 6.05 -3.64
N TYR B 69 -4.54 7.26 -3.12
CA TYR B 69 -5.33 8.40 -3.55
C TYR B 69 -4.56 9.42 -4.37
N ALA B 70 -3.23 9.45 -4.26
CA ALA B 70 -2.46 10.45 -4.98
C ALA B 70 -1.04 9.97 -5.16
N MET B 71 -0.39 10.46 -6.22
CA MET B 71 1.03 10.24 -6.46
C MET B 71 1.59 11.47 -7.14
N HIS B 72 2.88 11.70 -6.98
CA HIS B 72 3.54 12.79 -7.69
C HIS B 72 5.00 12.44 -7.91
N TRP B 73 5.45 12.56 -9.16
CA TRP B 73 6.86 12.36 -9.49
C TRP B 73 7.70 13.51 -8.95
N GLY B 74 8.91 13.16 -8.52
CA GLY B 74 9.93 14.18 -8.33
C GLY B 74 10.53 14.64 -9.64
N THR B 75 11.23 15.78 -9.58
CA THR B 75 11.74 16.38 -10.81
C THR B 75 12.91 15.62 -11.40
N ASP B 76 13.53 14.72 -10.65
CA ASP B 76 14.62 13.90 -11.17
C ASP B 76 14.11 12.72 -11.99
N SER B 77 12.79 12.57 -12.12
CA SER B 77 12.15 11.52 -12.93
C SER B 77 12.46 10.13 -12.41
N ARG B 78 12.94 10.02 -11.18
CA ARG B 78 13.26 8.74 -10.57
C ARG B 78 12.53 8.51 -9.25
N LEU B 79 12.42 9.53 -8.42
CA LEU B 79 11.70 9.42 -7.15
C LEU B 79 10.26 9.87 -7.32
N LEU B 80 9.36 9.19 -6.62
CA LEU B 80 7.95 9.56 -6.59
C LEU B 80 7.42 9.35 -5.19
N VAL B 81 6.40 10.12 -4.84
CA VAL B 81 5.72 10.02 -3.55
C VAL B 81 4.28 9.60 -3.81
N SER B 82 3.79 8.65 -3.03
CA SER B 82 2.41 8.21 -3.13
C SER B 82 1.75 8.29 -1.76
N ALA B 83 0.45 8.58 -1.76
CA ALA B 83 -0.34 8.68 -0.55
C ALA B 83 -1.44 7.64 -0.56
N SER B 84 -1.61 6.96 0.56
CA SER B 84 -2.67 5.97 0.73
C SER B 84 -3.37 6.24 2.06
N GLN B 85 -4.59 5.72 2.17
CA GLN B 85 -5.37 5.87 3.39
C GLN B 85 -5.09 4.77 4.42
N ASP B 86 -3.93 4.12 4.31
CA ASP B 86 -3.35 3.40 5.44
C ASP B 86 -2.54 4.31 6.35
N GLY B 87 -2.62 5.62 6.14
CA GLY B 87 -1.86 6.58 6.93
C GLY B 87 -0.39 6.61 6.65
N LYS B 88 0.03 6.28 5.43
CA LYS B 88 1.44 6.19 5.08
C LYS B 88 1.72 7.01 3.83
N LEU B 89 2.68 7.92 3.95
CA LEU B 89 3.30 8.55 2.78
C LEU B 89 4.58 7.77 2.48
N ILE B 90 4.71 7.26 1.26
CA ILE B 90 5.87 6.50 0.84
C ILE B 90 6.55 7.19 -0.33
N ILE B 91 7.88 7.30 -0.25
CA ILE B 91 8.71 7.80 -1.34
C ILE B 91 9.43 6.61 -1.95
N TRP B 92 9.25 6.41 -3.26
CA TRP B 92 9.75 5.23 -3.95
C TRP B 92 10.92 5.60 -4.85
N ASP B 93 11.91 4.71 -4.91
CA ASP B 93 12.92 4.72 -5.96
C ASP B 93 12.38 3.87 -7.11
N SER B 94 11.91 4.54 -8.16
CA SER B 94 11.20 3.81 -9.22
C SER B 94 12.13 2.90 -10.02
N TYR B 95 13.42 3.23 -10.10
CA TYR B 95 14.34 2.38 -10.86
C TYR B 95 14.52 1.01 -10.21
N THR B 96 14.61 0.98 -8.88
CA THR B 96 14.88 -0.24 -8.14
C THR B 96 13.68 -0.77 -7.36
N THR B 97 12.57 -0.03 -7.33
CA THR B 97 11.41 -0.26 -6.48
C THR B 97 11.73 -0.19 -5.00
N ASN B 98 12.91 0.32 -4.64
CA ASN B 98 13.25 0.50 -3.24
C ASN B 98 12.40 1.59 -2.62
N LYS B 99 12.00 1.39 -1.36
CA LYS B 99 11.32 2.42 -0.59
C LYS B 99 12.38 3.32 0.05
N VAL B 100 12.37 4.60 -0.31
CA VAL B 100 13.34 5.53 0.24
C VAL B 100 12.89 6.03 1.60
N HIS B 101 11.60 6.36 1.75
CA HIS B 101 11.06 6.82 3.01
C HIS B 101 9.66 6.24 3.20
N ALA B 102 9.22 6.19 4.45
CA ALA B 102 7.83 5.88 4.79
C ALA B 102 7.40 6.85 5.87
N ILE B 103 6.54 7.80 5.50
CA ILE B 103 6.15 8.89 6.40
C ILE B 103 4.80 8.54 7.00
N PRO B 104 4.71 8.30 8.30
CA PRO B 104 3.39 8.07 8.93
C PRO B 104 2.61 9.36 9.05
N LEU B 105 1.38 9.37 8.53
CA LEU B 105 0.54 10.55 8.54
C LEU B 105 -0.28 10.61 9.82
N ARG B 106 -0.40 11.82 10.39
CA ARG B 106 -1.22 12.01 11.57
C ARG B 106 -2.69 11.74 11.27
N SER B 107 -3.17 12.17 10.11
CA SER B 107 -4.52 11.88 9.65
C SER B 107 -4.45 10.98 8.44
N SER B 108 -5.14 9.84 8.50
CA SER B 108 -5.05 8.84 7.45
C SER B 108 -5.95 9.16 6.26
N TRP B 109 -6.79 10.18 6.36
CA TRP B 109 -7.77 10.46 5.30
C TRP B 109 -7.19 11.38 4.25
N VAL B 110 -6.02 11.01 3.73
CA VAL B 110 -5.28 11.83 2.79
C VAL B 110 -5.92 11.74 1.41
N MET B 111 -5.97 12.86 0.70
CA MET B 111 -6.53 12.91 -0.63
C MET B 111 -5.57 13.39 -1.70
N THR B 112 -4.48 14.07 -1.31
CA THR B 112 -3.54 14.63 -2.27
C THR B 112 -2.14 14.54 -1.69
N CYS B 113 -1.15 14.55 -2.58
CA CYS B 113 0.25 14.62 -2.19
C CYS B 113 1.03 15.33 -3.28
N ALA B 114 2.09 16.03 -2.89
CA ALA B 114 2.93 16.76 -3.83
C ALA B 114 4.39 16.61 -3.47
N TYR B 115 5.23 16.49 -4.49
CA TYR B 115 6.67 16.46 -4.37
C TYR B 115 7.24 17.82 -4.78
N ALA B 116 8.02 18.44 -3.91
CA ALA B 116 8.61 19.73 -4.24
C ALA B 116 9.59 19.59 -5.39
N PRO B 117 9.67 20.58 -6.28
CA PRO B 117 10.65 20.51 -7.38
C PRO B 117 12.08 20.43 -6.92
N SER B 118 12.41 20.99 -5.75
CA SER B 118 13.76 20.86 -5.22
C SER B 118 14.04 19.45 -4.69
N GLY B 119 13.01 18.70 -4.33
CA GLY B 119 13.18 17.39 -3.76
C GLY B 119 13.38 17.38 -2.26
N ASN B 120 13.36 18.54 -1.61
CA ASN B 120 13.61 18.62 -0.18
C ASN B 120 12.34 18.50 0.66
N TYR B 121 11.17 18.63 0.05
CA TYR B 121 9.92 18.64 0.79
C TYR B 121 8.87 17.82 0.05
N VAL B 122 7.93 17.26 0.81
CA VAL B 122 6.70 16.70 0.28
C VAL B 122 5.54 17.25 1.10
N ALA B 123 4.36 17.28 0.47
CA ALA B 123 3.17 17.82 1.09
C ALA B 123 2.03 16.85 0.89
N CYS B 124 1.08 16.87 1.83
CA CYS B 124 -0.11 16.03 1.73
C CYS B 124 -1.20 16.63 2.61
N GLY B 125 -2.42 16.17 2.39
CA GLY B 125 -3.55 16.59 3.19
C GLY B 125 -4.87 16.07 2.65
N GLY B 126 -5.86 15.95 3.53
CA GLY B 126 -7.14 15.42 3.13
C GLY B 126 -8.33 16.01 3.87
N LEU B 127 -9.17 15.11 4.40
CA LEU B 127 -10.37 15.49 5.14
C LEU B 127 -10.05 16.23 6.43
N ASP B 128 -8.79 16.30 6.86
CA ASP B 128 -8.44 17.07 8.05
C ASP B 128 -8.30 18.56 7.77
N ASN B 129 -8.48 18.99 6.52
CA ASN B 129 -8.47 20.40 6.13
C ASN B 129 -7.10 21.05 6.32
N ILE B 130 -6.04 20.25 6.36
CA ILE B 130 -4.68 20.73 6.64
C ILE B 130 -3.76 20.27 5.52
N CYS B 131 -2.87 21.16 5.09
CA CYS B 131 -1.77 20.79 4.21
C CYS B 131 -0.49 20.72 5.04
N SER B 132 0.03 19.51 5.20
CA SER B 132 1.20 19.27 6.04
C SER B 132 2.45 19.22 5.15
N ILE B 133 3.48 19.95 5.56
CA ILE B 133 4.75 19.99 4.85
C ILE B 133 5.76 19.14 5.61
N TYR B 134 6.42 18.23 4.90
CA TYR B 134 7.39 17.32 5.49
C TYR B 134 8.77 17.61 4.94
N ASN B 135 9.75 17.75 5.82
CA ASN B 135 11.13 18.00 5.43
C ASN B 135 11.85 16.67 5.21
N LEU B 136 12.36 16.48 4.00
CA LEU B 136 13.04 15.24 3.65
C LEU B 136 14.54 15.28 3.93
N LYS B 137 15.13 16.47 4.05
CA LYS B 137 16.56 16.63 4.23
C LYS B 137 16.79 17.27 5.59
N THR B 138 16.88 16.45 6.63
CA THR B 138 17.16 16.90 7.98
C THR B 138 18.47 16.28 8.47
N ARG B 139 19.16 17.01 9.35
CA ARG B 139 20.37 16.46 9.95
C ARG B 139 20.08 15.27 10.86
N GLU B 140 18.83 15.11 11.32
CA GLU B 140 18.48 14.01 12.20
C GLU B 140 18.24 12.70 11.46
N GLY B 141 18.15 12.74 10.13
CA GLY B 141 18.01 11.53 9.35
C GLY B 141 16.61 11.00 9.21
N ASN B 142 15.60 11.72 9.72
CA ASN B 142 14.22 11.30 9.60
C ASN B 142 13.39 12.42 8.99
N VAL B 143 12.25 12.05 8.43
CA VAL B 143 11.30 13.02 7.91
C VAL B 143 10.44 13.54 9.05
N ARG B 144 10.35 14.86 9.17
CA ARG B 144 9.55 15.50 10.21
C ARG B 144 8.60 16.49 9.56
N VAL B 145 7.47 16.72 10.23
CA VAL B 145 6.55 17.79 9.83
C VAL B 145 7.22 19.13 10.07
N SER B 146 7.30 19.96 9.03
CA SER B 146 7.83 21.30 9.16
C SER B 146 6.76 22.37 9.27
N ARG B 147 5.60 22.16 8.64
CA ARG B 147 4.51 23.13 8.69
C ARG B 147 3.18 22.41 8.52
N GLU B 148 2.15 22.90 9.21
CA GLU B 148 0.77 22.49 9.00
C GLU B 148 -0.02 23.73 8.62
N LEU B 149 -0.48 23.79 7.37
CA LEU B 149 -1.17 24.96 6.85
C LEU B 149 -2.65 24.85 7.14
N ALA B 150 -3.11 25.60 8.13
CA ALA B 150 -4.51 25.63 8.51
C ALA B 150 -5.17 26.90 8.00
N GLY B 151 -6.48 26.82 7.77
CA GLY B 151 -7.21 27.95 7.22
C GLY B 151 -8.32 27.58 6.28
N HIS B 152 -8.20 26.44 5.60
CA HIS B 152 -9.30 25.92 4.80
C HIS B 152 -10.39 25.35 5.69
N THR B 153 -11.64 25.57 5.31
CA THR B 153 -12.80 25.04 6.03
C THR B 153 -13.39 23.82 5.34
N GLY B 154 -12.71 23.27 4.34
CA GLY B 154 -13.12 22.04 3.71
C GLY B 154 -11.92 21.14 3.47
N TYR B 155 -12.20 19.96 2.92
CA TYR B 155 -11.12 19.00 2.69
C TYR B 155 -10.13 19.52 1.66
N LEU B 156 -8.88 19.11 1.80
CA LEU B 156 -7.83 19.47 0.86
C LEU B 156 -7.85 18.50 -0.31
N SER B 157 -8.09 19.01 -1.52
CA SER B 157 -8.21 18.16 -2.69
C SER B 157 -6.95 18.09 -3.53
N CYS B 158 -6.16 19.16 -3.59
CA CYS B 158 -4.93 19.15 -4.37
C CYS B 158 -3.97 20.19 -3.81
N CYS B 159 -2.68 19.95 -4.03
CA CYS B 159 -1.64 20.87 -3.59
C CYS B 159 -0.46 20.74 -4.55
N ARG B 160 0.20 21.86 -4.84
CA ARG B 160 1.36 21.87 -5.71
C ARG B 160 2.35 22.93 -5.23
N PHE B 161 3.61 22.54 -5.10
CA PHE B 161 4.66 23.48 -4.74
C PHE B 161 4.99 24.40 -5.92
N LEU B 162 5.17 25.68 -5.62
CA LEU B 162 5.82 26.59 -6.57
C LEU B 162 7.33 26.62 -6.35
N ASP B 163 7.74 26.60 -5.09
CA ASP B 163 9.14 26.50 -4.70
C ASP B 163 9.16 25.96 -3.27
N ASP B 164 10.32 26.06 -2.62
CA ASP B 164 10.42 25.54 -1.26
C ASP B 164 9.64 26.35 -0.24
N ASN B 165 9.24 27.58 -0.59
CA ASN B 165 8.55 28.44 0.35
C ASN B 165 7.09 28.73 -0.01
N GLN B 166 6.67 28.44 -1.24
CA GLN B 166 5.30 28.72 -1.67
C GLN B 166 4.64 27.44 -2.15
N ILE B 167 3.36 27.28 -1.81
CA ILE B 167 2.55 26.17 -2.28
C ILE B 167 1.13 26.65 -2.50
N VAL B 168 0.46 26.12 -3.51
CA VAL B 168 -0.93 26.43 -3.80
C VAL B 168 -1.78 25.23 -3.45
N THR B 169 -2.86 25.46 -2.72
CA THR B 169 -3.78 24.40 -2.31
C THR B 169 -5.19 24.72 -2.81
N SER B 170 -5.90 23.70 -3.25
CA SER B 170 -7.32 23.79 -3.53
C SER B 170 -8.10 22.97 -2.52
N SER B 171 -9.26 23.47 -2.11
CA SER B 171 -10.03 22.86 -1.04
C SER B 171 -11.47 22.65 -1.49
N GLY B 172 -12.19 21.86 -0.70
CA GLY B 172 -13.62 21.66 -0.85
C GLY B 172 -14.50 22.76 -0.31
N ASP B 173 -13.91 23.79 0.28
CA ASP B 173 -14.65 24.98 0.70
C ASP B 173 -14.79 26.01 -0.41
N THR B 174 -14.61 25.60 -1.67
CA THR B 174 -14.82 26.38 -2.88
C THR B 174 -13.73 27.41 -3.14
N THR B 175 -12.63 27.39 -2.37
CA THR B 175 -11.58 28.39 -2.51
C THR B 175 -10.23 27.70 -2.72
N CYS B 176 -9.35 28.40 -3.42
CA CYS B 176 -7.94 28.05 -3.50
C CYS B 176 -7.12 29.09 -2.72
N ALA B 177 -5.96 28.67 -2.24
CA ALA B 177 -5.11 29.55 -1.47
C ALA B 177 -3.65 29.41 -1.90
N LEU B 178 -2.94 30.53 -1.86
CA LEU B 178 -1.49 30.55 -2.00
C LEU B 178 -0.88 30.77 -0.63
N TRP B 179 0.07 29.91 -0.26
CA TRP B 179 0.60 29.89 1.10
C TRP B 179 2.06 30.30 1.11
N ASP B 180 2.45 31.02 2.17
CA ASP B 180 3.85 31.23 2.50
C ASP B 180 4.21 30.20 3.57
N ILE B 181 5.04 29.22 3.17
CA ILE B 181 5.29 28.09 4.05
C ILE B 181 6.08 28.53 5.29
N GLU B 182 7.01 29.46 5.13
CA GLU B 182 7.84 29.89 6.25
C GLU B 182 7.01 30.56 7.34
N THR B 183 6.07 31.42 6.96
CA THR B 183 5.21 32.09 7.93
C THR B 183 3.94 31.30 8.25
N GLY B 184 3.60 30.30 7.46
CA GLY B 184 2.43 29.50 7.72
C GLY B 184 1.11 30.17 7.41
N GLN B 185 1.13 31.32 6.73
CA GLN B 185 -0.06 32.09 6.43
C GLN B 185 -0.33 32.05 4.93
N GLN B 186 -1.62 32.08 4.57
CA GLN B 186 -2.01 32.13 3.16
C GLN B 186 -1.96 33.59 2.68
N THR B 187 -1.01 33.88 1.79
CA THR B 187 -0.85 35.24 1.31
C THR B 187 -2.00 35.66 0.40
N THR B 188 -2.48 34.75 -0.44
CA THR B 188 -3.56 35.04 -1.38
C THR B 188 -4.63 33.98 -1.26
N THR B 189 -5.90 34.42 -1.35
CA THR B 189 -7.04 33.52 -1.38
C THR B 189 -7.75 33.69 -2.72
N PHE B 190 -8.02 32.57 -3.39
CA PHE B 190 -8.65 32.57 -4.70
C PHE B 190 -10.08 32.12 -4.55
N THR B 191 -11.02 33.07 -4.67
CA THR B 191 -12.44 32.81 -4.51
C THR B 191 -13.16 33.03 -5.84
N GLY B 192 -14.29 32.34 -5.99
CA GLY B 192 -15.10 32.49 -7.19
C GLY B 192 -15.77 31.21 -7.66
N HIS B 193 -15.26 30.06 -7.23
CA HIS B 193 -15.93 28.81 -7.50
C HIS B 193 -17.14 28.65 -6.60
N THR B 194 -18.24 28.16 -7.17
CA THR B 194 -19.45 27.92 -6.41
C THR B 194 -19.58 26.48 -5.94
N GLY B 195 -18.60 25.63 -6.25
CA GLY B 195 -18.59 24.25 -5.78
C GLY B 195 -17.22 23.89 -5.24
N ASP B 196 -17.13 22.63 -4.77
CA ASP B 196 -15.88 22.13 -4.23
C ASP B 196 -14.82 22.06 -5.32
N VAL B 197 -13.70 22.74 -5.10
CA VAL B 197 -12.57 22.66 -6.02
C VAL B 197 -11.85 21.33 -5.81
N MET B 198 -11.76 20.53 -6.87
CA MET B 198 -11.26 19.16 -6.75
C MET B 198 -9.80 19.00 -7.18
N SER B 199 -9.28 19.91 -8.00
CA SER B 199 -7.94 19.74 -8.53
C SER B 199 -7.37 21.10 -8.91
N LEU B 200 -6.05 21.15 -9.06
CA LEU B 200 -5.39 22.31 -9.62
C LEU B 200 -4.16 21.85 -10.39
N SER B 201 -3.74 22.66 -11.37
CA SER B 201 -2.53 22.41 -12.12
C SER B 201 -1.76 23.71 -12.26
N LEU B 202 -0.45 23.64 -12.09
CA LEU B 202 0.41 24.80 -12.22
C LEU B 202 0.91 24.94 -13.66
N ALA B 203 0.97 26.17 -14.14
CA ALA B 203 1.59 26.44 -15.42
C ALA B 203 3.09 26.23 -15.34
N PRO B 204 3.74 25.88 -16.45
CA PRO B 204 5.19 25.60 -16.40
C PRO B 204 6.03 26.74 -15.86
N ASP B 205 5.63 27.99 -16.08
CA ASP B 205 6.34 29.14 -15.54
C ASP B 205 5.87 29.49 -14.13
N THR B 206 4.88 28.78 -13.60
CA THR B 206 4.36 28.97 -12.23
C THR B 206 3.87 30.40 -12.00
N ARG B 207 3.42 31.07 -13.05
CA ARG B 207 2.76 32.37 -12.91
C ARG B 207 1.25 32.26 -12.92
N LEU B 208 0.70 31.16 -13.44
CA LEU B 208 -0.73 30.94 -13.49
C LEU B 208 -1.03 29.53 -13.01
N PHE B 209 -2.27 29.30 -12.61
CA PHE B 209 -2.73 27.95 -12.36
C PHE B 209 -4.22 27.86 -12.63
N VAL B 210 -4.65 26.70 -13.12
CA VAL B 210 -6.05 26.41 -13.38
C VAL B 210 -6.57 25.49 -12.29
N SER B 211 -7.85 25.65 -11.95
CA SER B 211 -8.50 24.80 -10.98
C SER B 211 -9.86 24.37 -11.51
N GLY B 212 -10.22 23.11 -11.25
CA GLY B 212 -11.51 22.57 -11.62
C GLY B 212 -12.33 22.26 -10.36
N ALA B 213 -13.60 22.66 -10.39
CA ALA B 213 -14.48 22.52 -9.25
C ALA B 213 -15.67 21.64 -9.60
N CYS B 214 -16.57 21.49 -8.64
CA CYS B 214 -17.80 20.73 -8.82
C CYS B 214 -18.93 21.54 -9.43
N ASP B 215 -18.71 22.82 -9.71
CA ASP B 215 -19.64 23.59 -10.52
C ASP B 215 -19.42 23.41 -12.02
N ALA B 216 -18.67 22.37 -12.41
CA ALA B 216 -18.44 22.01 -13.80
C ALA B 216 -17.72 23.12 -14.57
N SER B 217 -16.93 23.93 -13.88
CA SER B 217 -16.24 25.05 -14.50
C SER B 217 -14.77 25.04 -14.10
N ALA B 218 -13.93 25.54 -15.00
CA ALA B 218 -12.49 25.67 -14.78
C ALA B 218 -12.12 27.15 -14.82
N LYS B 219 -11.44 27.63 -13.79
CA LYS B 219 -11.03 29.02 -13.71
C LYS B 219 -9.52 29.14 -13.78
N LEU B 220 -9.05 30.14 -14.53
CA LEU B 220 -7.63 30.44 -14.66
C LEU B 220 -7.28 31.59 -13.71
N TRP B 221 -6.33 31.34 -12.82
CA TRP B 221 -5.97 32.30 -11.78
C TRP B 221 -4.56 32.82 -12.01
N ASP B 222 -4.37 34.11 -11.73
CA ASP B 222 -3.04 34.71 -11.70
C ASP B 222 -2.49 34.60 -10.29
N VAL B 223 -1.32 33.99 -10.15
CA VAL B 223 -0.74 33.75 -8.83
C VAL B 223 -0.38 35.07 -8.16
N ARG B 224 0.32 35.94 -8.88
CA ARG B 224 0.80 37.20 -8.29
C ARG B 224 -0.35 38.17 -8.08
N GLU B 225 -1.20 38.34 -9.08
CA GLU B 225 -2.28 39.31 -8.97
C GLU B 225 -3.39 38.82 -8.05
N GLY B 226 -3.68 37.52 -8.09
CA GLY B 226 -4.62 36.92 -7.14
C GLY B 226 -6.08 36.96 -7.56
N MET B 227 -6.37 37.19 -8.83
CA MET B 227 -7.74 37.21 -9.33
C MET B 227 -7.91 36.18 -10.44
N CYS B 228 -9.18 35.90 -10.74
CA CYS B 228 -9.51 34.97 -11.81
C CYS B 228 -9.44 35.69 -13.15
N ARG B 229 -8.61 35.18 -14.07
CA ARG B 229 -8.50 35.78 -15.38
C ARG B 229 -9.59 35.30 -16.34
N GLN B 230 -9.79 33.99 -16.40
CA GLN B 230 -10.76 33.42 -17.34
C GLN B 230 -11.51 32.27 -16.67
N THR B 231 -12.73 32.03 -17.13
CA THR B 231 -13.56 30.93 -16.66
C THR B 231 -13.93 30.04 -17.84
N PHE B 232 -13.75 28.74 -17.68
CA PHE B 232 -13.99 27.77 -18.74
C PHE B 232 -15.12 26.84 -18.33
N THR B 233 -16.19 26.80 -19.12
CA THR B 233 -17.33 25.92 -18.88
C THR B 233 -17.51 25.00 -20.08
N GLY B 234 -18.40 24.01 -19.90
CA GLY B 234 -18.63 23.03 -20.94
C GLY B 234 -18.84 21.63 -20.42
N HIS B 235 -18.30 21.33 -19.25
CA HIS B 235 -18.58 20.06 -18.60
C HIS B 235 -20.01 20.02 -18.06
N GLU B 236 -20.55 18.82 -17.96
CA GLU B 236 -21.89 18.61 -17.46
C GLU B 236 -21.94 18.09 -16.02
N SER B 237 -20.80 17.75 -15.43
CA SER B 237 -20.74 17.25 -14.07
C SER B 237 -19.46 17.75 -13.42
N ASP B 238 -19.24 17.31 -12.17
CA ASP B 238 -18.10 17.78 -11.40
C ASP B 238 -16.80 17.47 -12.12
N ILE B 239 -15.89 18.45 -12.13
CA ILE B 239 -14.54 18.24 -12.64
C ILE B 239 -13.67 17.65 -11.54
N ASN B 240 -13.01 16.54 -11.83
CA ASN B 240 -12.17 15.86 -10.85
C ASN B 240 -10.68 16.03 -11.11
N ALA B 241 -10.27 16.35 -12.33
CA ALA B 241 -8.87 16.38 -12.69
C ALA B 241 -8.61 17.50 -13.68
N ILE B 242 -7.38 17.99 -13.68
CA ILE B 242 -6.99 19.09 -14.55
C ILE B 242 -5.47 19.04 -14.72
N CYS B 243 -5.01 19.40 -15.91
CA CYS B 243 -3.58 19.32 -16.21
C CYS B 243 -3.23 20.31 -17.31
N PHE B 244 -2.18 21.10 -17.08
CA PHE B 244 -1.73 22.05 -18.07
C PHE B 244 -1.03 21.35 -19.24
N PHE B 245 -1.21 21.92 -20.43
CA PHE B 245 -0.44 21.51 -21.59
C PHE B 245 1.03 21.89 -21.40
N PRO B 246 1.97 21.10 -21.94
CA PRO B 246 3.39 21.33 -21.63
C PRO B 246 3.90 22.72 -22.00
N ASN B 247 3.29 23.40 -22.96
CA ASN B 247 3.73 24.75 -23.29
C ASN B 247 3.00 25.82 -22.48
N GLY B 248 2.01 25.44 -21.68
CA GLY B 248 1.30 26.37 -20.82
C GLY B 248 0.18 27.14 -21.47
N ASN B 249 -0.10 26.90 -22.74
CA ASN B 249 -1.14 27.63 -23.46
C ASN B 249 -2.47 26.91 -23.50
N ALA B 250 -2.58 25.74 -22.86
CA ALA B 250 -3.82 24.98 -22.86
C ALA B 250 -3.84 24.11 -21.62
N PHE B 251 -5.01 23.55 -21.33
CA PHE B 251 -5.15 22.58 -20.25
C PHE B 251 -6.27 21.61 -20.58
N ALA B 252 -6.20 20.43 -19.99
CA ALA B 252 -7.21 19.40 -20.15
C ALA B 252 -7.86 19.10 -18.82
N THR B 253 -9.14 18.78 -18.86
CA THR B 253 -9.91 18.46 -17.65
C THR B 253 -10.53 17.08 -17.78
N GLY B 254 -10.85 16.49 -16.63
CA GLY B 254 -11.60 15.26 -16.58
C GLY B 254 -12.75 15.36 -15.61
N SER B 255 -13.94 14.95 -16.02
CA SER B 255 -15.15 15.10 -15.21
C SER B 255 -15.81 13.74 -14.99
N ASP B 256 -16.89 13.76 -14.20
CA ASP B 256 -17.69 12.57 -13.97
C ASP B 256 -18.61 12.23 -15.14
N ASP B 257 -18.70 13.08 -16.16
CA ASP B 257 -19.53 12.81 -17.32
C ASP B 257 -18.81 11.97 -18.37
N ALA B 258 -17.72 11.29 -17.99
CA ALA B 258 -16.99 10.38 -18.87
C ALA B 258 -16.38 11.09 -20.07
N THR B 259 -16.07 12.38 -19.93
CA THR B 259 -15.48 13.15 -21.02
C THR B 259 -14.26 13.91 -20.54
N CYS B 260 -13.30 14.09 -21.45
CA CYS B 260 -12.19 14.99 -21.26
C CYS B 260 -12.24 16.09 -22.31
N ARG B 261 -12.00 17.33 -21.90
CA ARG B 261 -12.07 18.47 -22.78
C ARG B 261 -10.75 19.23 -22.75
N LEU B 262 -10.33 19.71 -23.92
CA LEU B 262 -9.12 20.50 -24.05
C LEU B 262 -9.51 21.97 -24.24
N PHE B 263 -9.23 22.79 -23.23
CA PHE B 263 -9.50 24.22 -23.30
C PHE B 263 -8.22 24.98 -23.65
N ASP B 264 -8.39 26.07 -24.41
CA ASP B 264 -7.28 26.94 -24.78
C ASP B 264 -7.36 28.23 -23.98
N LEU B 265 -6.23 28.66 -23.45
CA LEU B 265 -6.20 29.90 -22.67
C LEU B 265 -6.44 31.12 -23.55
N ARG B 266 -5.71 31.20 -24.68
CA ARG B 266 -5.77 32.41 -25.50
C ARG B 266 -7.06 32.47 -26.31
N ALA B 267 -7.53 31.34 -26.83
CA ALA B 267 -8.82 31.32 -27.50
C ALA B 267 -10.00 31.33 -26.52
N ASP B 268 -9.75 31.05 -25.24
CA ASP B 268 -10.75 31.19 -24.19
C ASP B 268 -11.98 30.31 -24.44
N GLN B 269 -11.75 29.09 -24.92
CA GLN B 269 -12.86 28.20 -25.21
C GLN B 269 -12.35 26.77 -25.35
N GLU B 270 -13.29 25.84 -25.35
CA GLU B 270 -12.97 24.43 -25.57
C GLU B 270 -12.55 24.18 -27.01
N LEU B 271 -11.55 23.31 -27.18
CA LEU B 271 -11.05 22.97 -28.50
C LEU B 271 -11.39 21.55 -28.93
N MET B 272 -11.50 20.62 -27.99
CA MET B 272 -11.67 19.22 -28.34
C MET B 272 -12.22 18.47 -27.15
N THR B 273 -13.05 17.46 -27.44
CA THR B 273 -13.64 16.59 -26.43
C THR B 273 -13.13 15.17 -26.62
N TYR B 274 -12.78 14.51 -25.53
CA TYR B 274 -12.22 13.16 -25.55
C TYR B 274 -13.19 12.25 -24.81
N SER B 275 -14.10 11.62 -25.54
CA SER B 275 -15.07 10.71 -24.96
C SER B 275 -15.36 9.58 -25.92
N HIS B 276 -15.82 8.46 -25.35
CA HIS B 276 -16.18 7.27 -26.12
C HIS B 276 -17.54 6.77 -25.64
N ASP B 277 -18.24 6.08 -26.53
CA ASP B 277 -19.57 5.57 -26.19
C ASP B 277 -19.52 4.49 -25.13
N ASN B 278 -18.47 3.65 -25.16
CA ASN B 278 -18.33 2.63 -24.12
C ASN B 278 -18.03 3.23 -22.75
N ILE B 279 -17.41 4.40 -22.70
CA ILE B 279 -17.00 5.00 -21.44
C ILE B 279 -18.20 5.71 -20.83
N ILE B 280 -18.63 5.25 -19.65
CA ILE B 280 -19.78 5.84 -18.97
C ILE B 280 -19.40 6.14 -17.52
N CYS B 281 -18.13 5.97 -17.19
CA CYS B 281 -17.65 6.14 -15.82
C CYS B 281 -16.92 7.46 -15.68
N GLY B 282 -16.77 7.90 -14.43
CA GLY B 282 -16.09 9.15 -14.16
C GLY B 282 -14.59 9.05 -14.37
N ILE B 283 -13.98 10.22 -14.55
CA ILE B 283 -12.54 10.35 -14.76
C ILE B 283 -11.91 10.89 -13.50
N THR B 284 -10.80 10.29 -13.08
CA THR B 284 -10.15 10.67 -11.83
C THR B 284 -8.87 11.48 -12.02
N SER B 285 -8.12 11.25 -13.09
CA SER B 285 -6.82 11.88 -13.24
C SER B 285 -6.52 12.05 -14.72
N VAL B 286 -5.77 13.11 -15.03
CA VAL B 286 -5.36 13.40 -16.40
C VAL B 286 -3.92 13.90 -16.38
N SER B 287 -3.18 13.59 -17.45
CA SER B 287 -1.81 14.05 -17.60
C SER B 287 -1.45 14.02 -19.08
N PHE B 288 -0.40 14.77 -19.43
CA PHE B 288 0.11 14.83 -20.78
C PHE B 288 1.48 14.18 -20.86
N SER B 289 1.82 13.66 -22.03
CA SER B 289 3.18 13.24 -22.32
C SER B 289 4.07 14.47 -22.50
N LYS B 290 5.38 14.22 -22.59
CA LYS B 290 6.34 15.32 -22.58
C LYS B 290 6.12 16.26 -23.75
N SER B 291 5.85 15.71 -24.93
CA SER B 291 5.54 16.55 -26.08
C SER B 291 4.09 17.02 -26.11
N GLY B 292 3.24 16.48 -25.23
CA GLY B 292 1.84 16.84 -25.21
C GLY B 292 0.98 16.13 -26.23
N ARG B 293 1.55 15.25 -27.06
CA ARG B 293 0.77 14.58 -28.08
C ARG B 293 -0.20 13.55 -27.49
N LEU B 294 0.14 12.99 -26.33
CA LEU B 294 -0.71 11.99 -25.69
C LEU B 294 -1.36 12.58 -24.44
N LEU B 295 -2.64 12.31 -24.27
CA LEU B 295 -3.38 12.65 -23.06
C LEU B 295 -3.78 11.36 -22.37
N LEU B 296 -3.23 11.13 -21.18
CA LEU B 296 -3.52 9.92 -20.42
C LEU B 296 -4.53 10.25 -19.33
N ALA B 297 -5.60 9.47 -19.25
CA ALA B 297 -6.68 9.70 -18.31
C ALA B 297 -6.98 8.42 -17.55
N GLY B 298 -7.15 8.53 -16.24
CA GLY B 298 -7.57 7.41 -15.41
C GLY B 298 -9.06 7.42 -15.19
N TYR B 299 -9.66 6.24 -15.13
CA TYR B 299 -11.10 6.09 -15.17
C TYR B 299 -11.57 5.23 -14.00
N ASP B 300 -12.88 5.30 -13.74
CA ASP B 300 -13.50 4.45 -12.74
C ASP B 300 -13.63 3.00 -13.17
N ASP B 301 -13.56 2.71 -14.48
CA ASP B 301 -13.72 1.35 -14.96
C ASP B 301 -12.43 0.54 -14.90
N PHE B 302 -11.52 0.94 -14.01
CA PHE B 302 -10.27 0.27 -13.65
C PHE B 302 -9.19 0.42 -14.70
N ASN B 303 -9.40 1.25 -15.72
CA ASN B 303 -8.49 1.35 -16.85
C ASN B 303 -7.93 2.76 -16.98
N CYS B 304 -6.83 2.87 -17.71
CA CYS B 304 -6.26 4.14 -18.09
C CYS B 304 -6.23 4.21 -19.61
N ASN B 305 -6.92 5.18 -20.18
CA ASN B 305 -7.01 5.34 -21.63
C ASN B 305 -6.04 6.41 -22.09
N VAL B 306 -5.20 6.05 -23.06
CA VAL B 306 -4.26 6.99 -23.67
C VAL B 306 -4.93 7.57 -24.91
N TRP B 307 -5.11 8.89 -24.93
CA TRP B 307 -5.78 9.57 -26.02
C TRP B 307 -4.77 10.28 -26.90
N ASP B 308 -5.11 10.42 -28.18
CA ASP B 308 -4.40 11.33 -29.07
C ASP B 308 -4.94 12.72 -28.83
N ALA B 309 -4.08 13.61 -28.29
CA ALA B 309 -4.54 14.94 -27.92
C ALA B 309 -5.01 15.73 -29.14
N LEU B 310 -4.29 15.61 -30.26
CA LEU B 310 -4.61 16.39 -31.44
C LEU B 310 -5.82 15.83 -32.18
N LYS B 311 -5.94 14.50 -32.28
CA LYS B 311 -6.97 13.88 -33.12
C LYS B 311 -8.10 13.25 -32.33
N ALA B 312 -8.06 13.29 -30.99
CA ALA B 312 -9.12 12.75 -30.14
C ALA B 312 -9.37 11.27 -30.41
N ASP B 313 -8.29 10.53 -30.64
CA ASP B 313 -8.35 9.09 -30.85
C ASP B 313 -7.78 8.37 -29.64
N ARG B 314 -8.45 7.30 -29.23
CA ARG B 314 -7.95 6.47 -28.14
C ARG B 314 -6.76 5.66 -28.64
N ALA B 315 -5.55 6.06 -28.23
CA ALA B 315 -4.35 5.43 -28.75
C ALA B 315 -4.09 4.07 -28.11
N GLY B 316 -4.42 3.93 -26.83
CA GLY B 316 -4.17 2.67 -26.15
C GLY B 316 -4.86 2.65 -24.81
N VAL B 317 -4.70 1.52 -24.11
CA VAL B 317 -5.31 1.29 -22.81
C VAL B 317 -4.26 0.69 -21.89
N LEU B 318 -4.17 1.22 -20.68
CA LEU B 318 -3.37 0.61 -19.62
C LEU B 318 -4.32 -0.10 -18.66
N ALA B 319 -4.40 -1.43 -18.78
CA ALA B 319 -5.28 -2.25 -17.96
C ALA B 319 -4.42 -3.13 -17.06
N GLY B 320 -4.15 -2.65 -15.86
CA GLY B 320 -3.35 -3.40 -14.92
C GLY B 320 -3.78 -3.25 -13.47
N HIS B 321 -5.00 -2.76 -13.25
CA HIS B 321 -5.51 -2.54 -11.90
C HIS B 321 -6.88 -3.18 -11.75
N ASP B 322 -7.18 -3.63 -10.54
CA ASP B 322 -8.45 -4.29 -10.23
C ASP B 322 -9.42 -3.37 -9.53
N ASN B 323 -9.11 -2.08 -9.41
CA ASN B 323 -10.02 -1.10 -8.83
C ASN B 323 -9.80 0.22 -9.55
N ARG B 324 -10.41 1.28 -9.04
CA ARG B 324 -10.34 2.58 -9.69
C ARG B 324 -8.89 3.03 -9.85
N VAL B 325 -8.57 3.55 -11.03
CA VAL B 325 -7.34 4.31 -11.21
C VAL B 325 -7.56 5.70 -10.61
N SER B 326 -6.96 5.94 -9.44
CA SER B 326 -7.22 7.17 -8.70
C SER B 326 -6.28 8.30 -9.08
N CYS B 327 -5.11 7.99 -9.61
CA CYS B 327 -4.11 9.02 -9.90
C CYS B 327 -3.13 8.47 -10.93
N LEU B 328 -2.48 9.39 -11.64
CA LEU B 328 -1.40 9.05 -12.54
C LEU B 328 -0.51 10.27 -12.73
N GLY B 329 0.69 10.02 -13.22
CA GLY B 329 1.63 11.10 -13.47
C GLY B 329 2.72 10.67 -14.42
N VAL B 330 3.21 11.62 -15.20
CA VAL B 330 4.25 11.40 -16.20
C VAL B 330 5.52 12.10 -15.72
N THR B 331 6.66 11.43 -15.88
CA THR B 331 7.93 12.00 -15.44
C THR B 331 8.26 13.26 -16.23
N ASP B 332 9.13 14.08 -15.65
CA ASP B 332 9.54 15.31 -16.32
C ASP B 332 10.30 15.04 -17.61
N ASP B 333 11.09 13.97 -17.65
CA ASP B 333 11.79 13.61 -18.89
C ASP B 333 10.90 12.85 -19.86
N GLY B 334 9.68 12.51 -19.46
CA GLY B 334 8.76 11.82 -20.35
C GLY B 334 9.03 10.34 -20.52
N MET B 335 9.88 9.75 -19.69
CA MET B 335 10.31 8.38 -19.91
C MET B 335 9.23 7.37 -19.56
N ALA B 336 8.47 7.63 -18.50
CA ALA B 336 7.52 6.64 -18.00
C ALA B 336 6.31 7.35 -17.42
N VAL B 337 5.24 6.57 -17.24
CA VAL B 337 4.02 7.04 -16.59
C VAL B 337 3.70 6.11 -15.44
N ALA B 338 3.36 6.67 -14.30
CA ALA B 338 2.95 5.90 -13.13
C ALA B 338 1.44 5.99 -12.95
N THR B 339 0.82 4.88 -12.59
CA THR B 339 -0.60 4.84 -12.28
C THR B 339 -0.81 4.30 -10.88
N GLY B 340 -1.57 5.04 -10.08
CA GLY B 340 -1.97 4.59 -8.76
C GLY B 340 -3.44 4.19 -8.77
N SER B 341 -3.81 3.31 -7.84
CA SER B 341 -5.14 2.72 -7.89
C SER B 341 -5.62 2.40 -6.49
N TRP B 342 -6.94 2.24 -6.37
CA TRP B 342 -7.58 1.79 -5.14
C TRP B 342 -7.24 0.35 -4.77
N ASP B 343 -6.63 -0.41 -5.68
CA ASP B 343 -6.19 -1.76 -5.35
C ASP B 343 -4.87 -1.80 -4.59
N SER B 344 -4.34 -0.63 -4.22
CA SER B 344 -3.16 -0.45 -3.37
C SER B 344 -1.85 -0.67 -4.09
N PHE B 345 -1.84 -0.65 -5.43
CA PHE B 345 -0.62 -0.86 -6.18
C PHE B 345 -0.31 0.34 -7.06
N LEU B 346 0.97 0.57 -7.30
CA LEU B 346 1.45 1.52 -8.28
C LEU B 346 2.19 0.76 -9.38
N LYS B 347 1.98 1.20 -10.62
CA LYS B 347 2.61 0.56 -11.76
C LYS B 347 3.30 1.61 -12.63
N ILE B 348 4.46 1.24 -13.17
CA ILE B 348 5.25 2.10 -14.03
C ILE B 348 5.16 1.55 -15.44
N TRP B 349 4.82 2.41 -16.40
CA TRP B 349 4.58 1.99 -17.77
C TRP B 349 5.48 2.76 -18.72
N ASN B 350 5.97 2.06 -19.75
CA ASN B 350 6.51 2.69 -20.94
C ASN B 350 6.52 1.65 -22.05
N GLY B 351 6.73 2.13 -23.28
CA GLY B 351 6.72 1.26 -24.44
C GLY B 351 8.09 0.68 -24.73
N SER B 352 8.13 -0.15 -25.77
CA SER B 352 9.37 -0.75 -26.24
C SER B 352 9.42 -0.66 -27.76
N SER B 353 10.64 -0.53 -28.29
CA SER B 353 10.85 -0.44 -29.73
C SER B 353 10.51 -1.77 -30.41
N THR C 6 -29.08 41.83 2.73
CA THR C 6 -28.36 42.49 1.65
C THR C 6 -27.17 41.66 1.19
N ALA C 7 -27.25 40.35 1.44
CA ALA C 7 -26.18 39.45 1.01
C ALA C 7 -26.22 39.21 -0.49
N SER C 8 -27.42 39.01 -1.05
CA SER C 8 -27.54 38.75 -2.48
C SER C 8 -27.11 39.95 -3.31
N ILE C 9 -27.50 41.16 -2.89
CA ILE C 9 -27.15 42.35 -3.68
C ILE C 9 -25.65 42.60 -3.65
N ALA C 10 -25.01 42.31 -2.51
CA ALA C 10 -23.55 42.46 -2.43
C ALA C 10 -22.85 41.43 -3.32
N GLN C 11 -23.33 40.19 -3.34
CA GLN C 11 -22.75 39.18 -4.21
C GLN C 11 -22.99 39.50 -5.69
N ALA C 12 -24.14 40.08 -6.00
CA ALA C 12 -24.45 40.40 -7.40
C ALA C 12 -23.49 41.42 -7.97
N ARG C 13 -23.13 42.45 -7.18
CA ARG C 13 -22.18 43.45 -7.66
C ARG C 13 -20.82 42.84 -7.96
N LYS C 14 -20.36 41.93 -7.09
CA LYS C 14 -19.06 41.30 -7.29
C LYS C 14 -19.06 40.41 -8.53
N LEU C 15 -20.13 39.62 -8.71
CA LEU C 15 -20.20 38.74 -9.87
C LEU C 15 -20.27 39.52 -11.18
N VAL C 16 -21.03 40.62 -11.20
CA VAL C 16 -21.08 41.46 -12.40
C VAL C 16 -19.72 42.08 -12.68
N GLU C 17 -19.04 42.56 -11.63
CA GLU C 17 -17.74 43.19 -11.83
C GLU C 17 -16.72 42.19 -12.35
N GLN C 18 -16.78 40.94 -11.89
CA GLN C 18 -15.86 39.91 -12.37
C GLN C 18 -16.07 39.61 -13.85
N LEU C 19 -17.34 39.54 -14.29
CA LEU C 19 -17.61 39.23 -15.69
C LEU C 19 -17.10 40.32 -16.61
N LYS C 20 -17.00 41.56 -16.13
CA LYS C 20 -16.43 42.62 -16.95
C LYS C 20 -14.96 42.36 -17.24
N MET C 21 -14.20 41.90 -16.23
CA MET C 21 -12.78 41.64 -16.44
C MET C 21 -12.57 40.50 -17.43
N GLU C 22 -13.39 39.45 -17.35
CA GLU C 22 -13.21 38.30 -18.24
C GLU C 22 -13.63 38.63 -19.66
N ALA C 23 -14.55 39.58 -19.83
CA ALA C 23 -15.04 39.94 -21.16
C ALA C 23 -14.12 40.89 -21.91
N ASN C 24 -13.09 41.42 -21.26
CA ASN C 24 -12.21 42.41 -21.87
C ASN C 24 -10.87 41.82 -22.31
N ILE C 25 -10.75 40.49 -22.33
CA ILE C 25 -9.48 39.87 -22.72
C ILE C 25 -9.41 39.76 -24.23
N ASP C 26 -8.18 39.69 -24.74
CA ASP C 26 -7.95 39.50 -26.16
C ASP C 26 -7.98 38.02 -26.51
N ARG C 27 -8.77 37.66 -27.51
CA ARG C 27 -8.94 36.29 -27.94
C ARG C 27 -8.37 36.10 -29.34
N ILE C 28 -7.52 35.09 -29.50
CA ILE C 28 -7.02 34.72 -30.81
C ILE C 28 -7.96 33.70 -31.44
N LYS C 29 -7.80 33.51 -32.75
CA LYS C 29 -8.64 32.55 -33.46
C LYS C 29 -8.33 31.13 -33.00
N VAL C 30 -9.34 30.27 -33.09
CA VAL C 30 -9.15 28.86 -32.73
C VAL C 30 -8.17 28.20 -33.68
N SER C 31 -8.20 28.58 -34.96
CA SER C 31 -7.22 28.04 -35.91
C SER C 31 -5.80 28.43 -35.52
N LYS C 32 -5.60 29.67 -35.08
CA LYS C 32 -4.29 30.09 -34.61
C LYS C 32 -3.87 29.31 -33.38
N ALA C 33 -4.80 29.11 -32.43
CA ALA C 33 -4.48 28.36 -31.23
C ALA C 33 -4.24 26.88 -31.55
N ALA C 34 -5.02 26.32 -32.47
CA ALA C 34 -4.84 24.93 -32.85
C ALA C 34 -3.49 24.70 -33.50
N ALA C 35 -3.06 25.64 -34.36
CA ALA C 35 -1.77 25.50 -35.02
C ALA C 35 -0.62 25.51 -34.03
N ASP C 36 -0.69 26.36 -33.00
CA ASP C 36 0.36 26.42 -32.00
C ASP C 36 0.47 25.11 -31.24
N LEU C 37 -0.66 24.51 -30.87
CA LEU C 37 -0.62 23.21 -30.19
C LEU C 37 -0.05 22.14 -31.11
N MET C 38 -0.44 22.15 -32.39
CA MET C 38 0.09 21.18 -33.33
C MET C 38 1.58 21.39 -33.55
N ALA C 39 2.03 22.64 -33.59
CA ALA C 39 3.44 22.93 -33.78
C ALA C 39 4.29 22.43 -32.61
N TYR C 40 3.82 22.64 -31.38
CA TYR C 40 4.58 22.20 -30.22
C TYR C 40 4.70 20.69 -30.16
N CYS C 41 3.63 19.96 -30.49
CA CYS C 41 3.68 18.51 -30.51
C CYS C 41 4.66 18.01 -31.57
N GLU C 42 4.64 18.64 -32.76
CA GLU C 42 5.55 18.22 -33.83
C GLU C 42 7.01 18.48 -33.46
N ALA C 43 7.31 19.63 -32.85
CA ALA C 43 8.69 19.98 -32.57
C ALA C 43 9.31 19.07 -31.52
N HIS C 44 8.53 18.62 -30.55
CA HIS C 44 9.03 17.80 -29.45
C HIS C 44 8.68 16.33 -29.59
N ALA C 45 8.26 15.90 -30.78
CA ALA C 45 7.82 14.52 -30.97
C ALA C 45 8.97 13.53 -30.74
N LYS C 46 10.17 13.88 -31.24
CA LYS C 46 11.28 12.94 -31.16
C LYS C 46 11.76 12.75 -29.73
N GLU C 47 11.68 13.79 -28.90
CA GLU C 47 12.10 13.72 -27.51
C GLU C 47 10.97 13.29 -26.57
N ASP C 48 9.96 12.59 -27.07
CA ASP C 48 8.89 12.05 -26.25
C ASP C 48 9.04 10.53 -26.17
N PRO C 49 9.58 9.99 -25.08
CA PRO C 49 9.74 8.53 -24.99
C PRO C 49 8.43 7.76 -25.03
N LEU C 50 7.35 8.30 -24.48
CA LEU C 50 6.09 7.58 -24.49
C LEU C 50 5.51 7.50 -25.91
N LEU C 51 5.64 8.58 -26.68
CA LEU C 51 5.17 8.57 -28.06
C LEU C 51 6.04 7.67 -28.93
N THR C 52 7.36 7.82 -28.83
CA THR C 52 8.33 7.02 -29.58
C THR C 52 9.23 6.30 -28.59
N PRO C 53 8.96 5.04 -28.27
CA PRO C 53 9.76 4.33 -27.26
C PRO C 53 11.23 4.25 -27.65
N VAL C 54 12.09 4.44 -26.65
CA VAL C 54 13.54 4.48 -26.83
C VAL C 54 14.07 3.04 -26.90
N PRO C 55 15.26 2.82 -27.44
CA PRO C 55 15.85 1.48 -27.39
C PRO C 55 16.07 1.02 -25.95
N ALA C 56 16.02 -0.31 -25.77
CA ALA C 56 16.09 -0.88 -24.42
C ALA C 56 17.35 -0.46 -23.67
N SER C 57 18.43 -0.14 -24.40
CA SER C 57 19.65 0.32 -23.74
C SER C 57 19.45 1.67 -23.07
N GLU C 58 18.55 2.50 -23.59
CA GLU C 58 18.31 3.84 -23.07
C GLU C 58 17.11 3.90 -22.14
N ASN C 59 16.50 2.76 -21.82
CA ASN C 59 15.31 2.73 -20.98
C ASN C 59 15.71 2.43 -19.54
N PRO C 60 15.56 3.36 -18.61
CA PRO C 60 15.89 3.07 -17.21
C PRO C 60 15.03 1.99 -16.58
N PHE C 61 13.87 1.68 -17.17
CA PHE C 61 12.91 0.74 -16.59
C PHE C 61 12.87 -0.59 -17.33
N ARG C 62 14.02 -1.05 -17.81
CA ARG C 62 14.13 -2.34 -18.50
C ARG C 62 13.43 -3.47 -17.75
N ASP D 1 21.76 19.35 18.68
CA ASP D 1 22.60 19.20 17.50
C ASP D 1 23.15 17.79 17.41
N VAL D 2 23.62 17.39 16.23
CA VAL D 2 24.14 16.05 16.04
C VAL D 2 25.46 15.92 16.77
N GLN D 3 25.58 14.90 17.62
CA GLN D 3 26.77 14.70 18.44
C GLN D 3 27.17 13.24 18.41
N LEU D 4 28.47 12.98 18.44
CA LEU D 4 29.02 11.63 18.54
C LEU D 4 30.22 11.69 19.48
N VAL D 5 30.06 11.14 20.67
CA VAL D 5 31.09 11.20 21.71
C VAL D 5 31.64 9.80 21.93
N GLU D 6 32.95 9.66 21.78
CA GLU D 6 33.63 8.39 21.99
C GLU D 6 34.26 8.36 23.37
N SER D 7 34.33 7.16 23.95
CA SER D 7 34.94 6.97 25.26
C SER D 7 35.46 5.53 25.35
N GLY D 8 36.30 5.30 26.36
CA GLY D 8 36.89 4.00 26.60
C GLY D 8 38.33 3.85 26.14
N GLY D 9 38.88 4.82 25.42
CA GLY D 9 40.25 4.73 24.99
C GLY D 9 41.24 5.01 26.10
N GLY D 10 42.47 4.58 25.90
CA GLY D 10 43.52 4.78 26.87
C GLY D 10 44.64 3.79 26.67
N LEU D 11 45.65 3.93 27.53
CA LEU D 11 46.84 3.07 27.44
C LEU D 11 46.51 1.67 27.95
N VAL D 12 46.78 0.67 27.11
CA VAL D 12 46.51 -0.72 27.44
C VAL D 12 47.76 -1.55 27.19
N GLN D 13 47.84 -2.68 27.89
CA GLN D 13 48.95 -3.60 27.73
C GLN D 13 48.76 -4.44 26.46
N PRO D 14 49.86 -4.87 25.83
CA PRO D 14 49.73 -5.73 24.66
C PRO D 14 49.03 -7.04 25.02
N GLY D 15 48.19 -7.52 24.11
CA GLY D 15 47.41 -8.71 24.35
C GLY D 15 46.19 -8.50 25.22
N GLY D 16 45.90 -7.26 25.62
CA GLY D 16 44.78 -6.96 26.48
C GLY D 16 43.49 -6.76 25.71
N SER D 17 42.46 -6.32 26.43
CA SER D 17 41.14 -6.08 25.88
C SER D 17 40.65 -4.71 26.31
N ARG D 18 39.92 -4.05 25.43
CA ARG D 18 39.37 -2.73 25.72
C ARG D 18 38.04 -2.58 25.00
N LYS D 19 37.13 -1.84 25.62
CA LYS D 19 35.78 -1.64 25.11
C LYS D 19 35.58 -0.16 24.80
N LEU D 20 35.35 0.15 23.54
CA LEU D 20 35.11 1.53 23.10
C LEU D 20 33.61 1.75 22.94
N SER D 21 33.14 2.92 23.38
CA SER D 21 31.74 3.29 23.30
C SER D 21 31.59 4.55 22.47
N CYS D 22 30.49 4.64 21.72
CA CYS D 22 30.15 5.82 20.94
C CYS D 22 28.70 6.18 21.24
N SER D 23 28.49 7.22 22.01
CA SER D 23 27.15 7.68 22.37
C SER D 23 26.66 8.70 21.36
N ALA D 24 25.46 8.49 20.83
CA ALA D 24 24.89 9.36 19.81
C ALA D 24 23.72 10.15 20.38
N SER D 25 23.70 11.45 20.06
CA SER D 25 22.60 12.32 20.47
C SER D 25 22.29 13.29 19.34
N GLY D 26 21.02 13.68 19.25
CA GLY D 26 20.59 14.68 18.30
C GLY D 26 20.22 14.17 16.92
N PHE D 27 20.18 12.87 16.71
CA PHE D 27 19.73 12.33 15.43
C PHE D 27 19.20 10.91 15.64
N ALA D 28 18.46 10.43 14.63
CA ALA D 28 17.87 9.11 14.69
C ALA D 28 18.95 8.04 14.53
N PHE D 29 19.50 7.57 15.65
CA PHE D 29 20.66 6.67 15.60
C PHE D 29 20.33 5.37 14.89
N SER D 30 19.15 4.81 15.15
CA SER D 30 18.81 3.51 14.58
C SER D 30 18.68 3.55 13.06
N SER D 31 18.53 4.74 12.47
CA SER D 31 18.38 4.86 11.03
C SER D 31 19.72 4.91 10.30
N PHE D 32 20.82 5.09 11.02
CA PHE D 32 22.15 5.27 10.43
C PHE D 32 22.98 4.01 10.61
N GLY D 33 23.67 3.61 9.54
CA GLY D 33 24.77 2.69 9.69
C GLY D 33 25.96 3.38 10.34
N MET D 34 26.79 2.60 11.02
CA MET D 34 27.89 3.14 11.79
C MET D 34 29.20 2.48 11.40
N HIS D 35 30.25 3.27 11.29
CA HIS D 35 31.59 2.79 11.01
C HIS D 35 32.54 3.17 12.13
N TRP D 36 33.55 2.35 12.36
CA TRP D 36 34.73 2.73 13.12
C TRP D 36 35.88 2.95 12.16
N VAL D 37 36.51 4.13 12.23
CA VAL D 37 37.67 4.47 11.42
C VAL D 37 38.79 4.89 12.36
N ARG D 38 39.98 4.33 12.16
CA ARG D 38 41.12 4.69 12.98
C ARG D 38 42.18 5.41 12.16
N GLN D 39 43.04 6.14 12.86
CA GLN D 39 44.12 6.91 12.24
C GLN D 39 45.36 6.76 13.12
N ALA D 40 46.37 6.06 12.61
CA ALA D 40 47.61 5.93 13.36
C ALA D 40 48.31 7.29 13.45
N PRO D 41 49.04 7.54 14.54
CA PRO D 41 49.73 8.82 14.68
C PRO D 41 50.66 9.10 13.51
N GLU D 42 50.54 10.31 12.96
CA GLU D 42 51.30 10.73 11.79
C GLU D 42 51.10 9.77 10.62
N LYS D 43 49.87 9.27 10.47
CA LYS D 43 49.51 8.38 9.38
C LYS D 43 48.12 8.75 8.89
N GLY D 44 47.65 8.05 7.86
CA GLY D 44 46.36 8.30 7.27
C GLY D 44 45.25 7.53 7.96
N LEU D 45 44.05 7.64 7.40
CA LEU D 45 42.88 7.00 7.96
C LEU D 45 42.81 5.54 7.53
N GLU D 46 42.28 4.70 8.43
CA GLU D 46 42.14 3.27 8.16
C GLU D 46 40.80 2.81 8.68
N TRP D 47 39.97 2.24 7.79
CA TRP D 47 38.66 1.76 8.18
C TRP D 47 38.76 0.47 8.98
N VAL D 48 37.95 0.37 10.04
CA VAL D 48 38.03 -0.74 10.99
C VAL D 48 36.85 -1.70 10.80
N ALA D 49 35.63 -1.19 10.92
CA ALA D 49 34.46 -2.06 10.96
C ALA D 49 33.24 -1.27 10.49
N TYR D 50 32.18 -2.00 10.19
CA TYR D 50 30.91 -1.41 9.78
C TYR D 50 29.77 -2.26 10.33
N ILE D 51 28.77 -1.61 10.92
CA ILE D 51 27.52 -2.27 11.27
C ILE D 51 26.37 -1.47 10.67
N SER D 52 25.45 -2.17 10.00
CA SER D 52 24.37 -1.50 9.30
C SER D 52 23.26 -1.12 10.27
N SER D 53 22.34 -0.28 9.80
CA SER D 53 21.12 -0.03 10.54
C SER D 53 20.31 -1.31 10.67
N GLY D 54 19.87 -1.61 11.89
CA GLY D 54 19.20 -2.87 12.15
C GLY D 54 20.13 -4.03 12.44
N SER D 55 21.45 -3.80 12.46
CA SER D 55 22.44 -4.79 12.88
C SER D 55 22.46 -6.03 12.00
N GLY D 56 21.88 -5.95 10.79
CA GLY D 56 21.80 -7.12 9.95
C GLY D 56 23.07 -7.43 9.20
N THR D 57 23.88 -6.41 8.89
CA THR D 57 25.09 -6.57 8.12
C THR D 57 26.26 -6.03 8.93
N ILE D 58 27.34 -6.82 9.01
CA ILE D 58 28.54 -6.43 9.75
C ILE D 58 29.75 -6.76 8.90
N TYR D 59 30.65 -5.79 8.77
CA TYR D 59 31.89 -5.97 8.02
C TYR D 59 33.08 -5.57 8.89
N TYR D 60 34.22 -6.24 8.67
CA TYR D 60 35.45 -5.95 9.37
C TYR D 60 36.60 -5.83 8.38
N ALA D 61 37.60 -5.05 8.75
CA ALA D 61 38.85 -5.06 8.00
C ALA D 61 39.63 -6.33 8.30
N ASP D 62 40.43 -6.76 7.32
CA ASP D 62 41.16 -8.01 7.47
C ASP D 62 42.16 -7.95 8.61
N THR D 63 42.77 -6.78 8.84
CA THR D 63 43.78 -6.66 9.89
C THR D 63 43.19 -6.75 11.29
N VAL D 64 41.87 -6.62 11.42
CA VAL D 64 41.21 -6.68 12.72
C VAL D 64 40.15 -7.77 12.80
N LYS D 65 39.84 -8.45 11.70
CA LYS D 65 38.78 -9.44 11.70
C LYS D 65 39.14 -10.61 12.61
N GLY D 66 38.18 -11.03 13.42
CA GLY D 66 38.39 -12.07 14.41
C GLY D 66 38.79 -11.58 15.78
N ARG D 67 39.36 -10.37 15.88
CA ARG D 67 39.74 -9.80 17.16
C ARG D 67 38.81 -8.69 17.63
N PHE D 68 38.23 -7.93 16.71
CA PHE D 68 37.34 -6.83 17.04
C PHE D 68 35.89 -7.25 16.82
N THR D 69 35.01 -6.79 17.69
CA THR D 69 33.57 -7.00 17.53
C THR D 69 32.84 -5.67 17.66
N ILE D 70 32.03 -5.34 16.66
CA ILE D 70 31.28 -4.09 16.62
C ILE D 70 29.81 -4.39 16.88
N SER D 71 29.20 -3.59 17.74
CA SER D 71 27.79 -3.79 18.11
C SER D 71 27.18 -2.45 18.44
N ARG D 72 25.85 -2.42 18.45
CA ARG D 72 25.11 -1.18 18.74
C ARG D 72 23.96 -1.49 19.68
N ASP D 73 23.56 -0.47 20.44
CA ASP D 73 22.40 -0.52 21.32
C ASP D 73 21.46 0.60 20.89
N ASP D 74 20.50 0.27 20.02
CA ASP D 74 19.60 1.30 19.48
C ASP D 74 18.78 2.01 20.54
N PRO D 75 18.14 1.33 21.51
CA PRO D 75 17.41 2.08 22.53
C PRO D 75 18.27 3.05 23.32
N LYS D 76 19.54 2.70 23.58
CA LYS D 76 20.44 3.59 24.30
C LYS D 76 21.23 4.50 23.39
N ASN D 77 21.11 4.34 22.08
CA ASN D 77 21.85 5.12 21.09
C ASN D 77 23.35 5.06 21.33
N THR D 78 23.85 3.85 21.58
CA THR D 78 25.27 3.63 21.86
C THR D 78 25.84 2.66 20.84
N LEU D 79 27.01 3.01 20.31
CA LEU D 79 27.78 2.13 19.43
C LEU D 79 28.99 1.59 20.18
N PHE D 80 29.25 0.30 20.02
CA PHE D 80 30.30 -0.38 20.76
C PHE D 80 31.34 -0.95 19.80
N LEU D 81 32.57 -1.08 20.30
CA LEU D 81 33.64 -1.78 19.59
C LEU D 81 34.40 -2.58 20.65
N GLN D 82 34.17 -3.88 20.69
CA GLN D 82 34.87 -4.77 21.61
C GLN D 82 36.15 -5.26 20.94
N MET D 83 37.29 -4.96 21.57
CA MET D 83 38.60 -5.31 21.03
C MET D 83 39.28 -6.33 21.93
N THR D 84 39.95 -7.29 21.31
CA THR D 84 40.67 -8.33 22.03
C THR D 84 42.02 -8.56 21.37
N SER D 85 42.97 -9.06 22.17
CA SER D 85 44.33 -9.38 21.69
C SER D 85 44.98 -8.16 21.04
N LEU D 86 44.88 -7.02 21.72
CA LEU D 86 45.36 -5.76 21.16
C LEU D 86 46.87 -5.80 20.93
N ARG D 87 47.29 -5.35 19.75
CA ARG D 87 48.69 -5.34 19.36
C ARG D 87 49.18 -3.89 19.27
N SER D 88 50.50 -3.74 19.13
CA SER D 88 51.07 -2.42 18.95
C SER D 88 50.63 -1.78 17.63
N GLU D 89 50.16 -2.58 16.68
CA GLU D 89 49.65 -2.06 15.42
C GLU D 89 48.28 -1.39 15.57
N ASP D 90 47.63 -1.55 16.72
CA ASP D 90 46.31 -0.98 16.95
C ASP D 90 46.36 0.39 17.61
N THR D 91 47.54 0.93 17.88
CA THR D 91 47.66 2.25 18.49
C THR D 91 47.23 3.30 17.47
N ALA D 92 46.06 3.90 17.71
CA ALA D 92 45.52 4.89 16.78
C ALA D 92 44.41 5.66 17.48
N MET D 93 43.97 6.73 16.82
CA MET D 93 42.76 7.45 17.22
C MET D 93 41.58 6.86 16.47
N TYR D 94 40.58 6.38 17.21
CA TYR D 94 39.43 5.69 16.64
C TYR D 94 38.25 6.64 16.55
N TYR D 95 37.73 6.82 15.34
CA TYR D 95 36.64 7.75 15.08
C TYR D 95 35.34 7.00 14.88
N CYS D 96 34.26 7.54 15.42
CA CYS D 96 32.91 7.03 15.23
C CYS D 96 32.24 7.82 14.11
N VAL D 97 31.81 7.14 13.06
CA VAL D 97 31.27 7.78 11.86
C VAL D 97 29.87 7.24 11.59
N ARG D 98 28.91 8.15 11.42
CA ARG D 98 27.57 7.78 11.02
C ARG D 98 27.46 7.82 9.50
N SER D 99 26.62 6.94 8.96
CA SER D 99 26.40 6.89 7.52
C SER D 99 25.04 6.27 7.25
N ILE D 100 24.18 6.99 6.53
CA ILE D 100 22.86 6.50 6.15
C ILE D 100 22.87 6.27 4.65
N TYR D 101 22.17 5.22 4.21
CA TYR D 101 22.23 4.78 2.81
C TYR D 101 20.83 4.70 2.24
N TYR D 102 20.52 5.65 1.36
CA TYR D 102 19.37 5.57 0.47
C TYR D 102 19.70 6.39 -0.75
N TYR D 103 18.83 6.35 -1.76
CA TYR D 103 19.08 7.08 -2.99
C TYR D 103 19.26 8.56 -2.70
N GLY D 104 20.43 9.09 -3.04
CA GLY D 104 20.75 10.48 -2.84
C GLY D 104 21.27 10.84 -1.46
N SER D 105 21.48 9.88 -0.58
CA SER D 105 22.01 10.18 0.74
C SER D 105 23.49 10.54 0.66
N SER D 106 24.01 11.07 1.76
CA SER D 106 25.41 11.47 1.88
C SER D 106 26.06 10.68 3.01
N PRO D 107 26.60 9.51 2.72
CA PRO D 107 27.28 8.73 3.76
C PRO D 107 28.54 9.43 4.25
N PHE D 108 28.95 9.08 5.47
CA PHE D 108 30.16 9.60 6.10
C PHE D 108 30.08 11.11 6.32
N ASP D 109 28.86 11.62 6.51
CA ASP D 109 28.66 13.06 6.62
C ASP D 109 29.09 13.60 7.98
N PHE D 110 28.94 12.83 9.05
CA PHE D 110 29.29 13.28 10.39
C PHE D 110 30.26 12.31 11.03
N TRP D 111 31.34 12.85 11.61
CA TRP D 111 32.34 12.08 12.33
C TRP D 111 32.34 12.50 13.80
N GLY D 112 32.71 11.56 14.66
CA GLY D 112 32.90 11.87 16.06
C GLY D 112 34.24 12.50 16.36
N GLN D 113 34.40 12.95 17.60
CA GLN D 113 35.64 13.59 18.01
C GLN D 113 36.78 12.60 18.12
N GLY D 114 36.48 11.34 18.39
CA GLY D 114 37.47 10.29 18.39
C GLY D 114 37.98 10.00 19.80
N THR D 115 38.45 8.78 19.99
CA THR D 115 39.09 8.37 21.23
C THR D 115 40.44 7.72 20.92
N THR D 116 41.43 8.02 21.75
CA THR D 116 42.81 7.61 21.51
C THR D 116 43.11 6.32 22.26
N LEU D 117 43.63 5.33 21.54
CA LEU D 117 44.06 4.06 22.11
C LEU D 117 45.57 3.93 21.92
N THR D 118 46.28 3.67 23.00
CA THR D 118 47.73 3.47 22.97
C THR D 118 48.06 2.10 23.52
N VAL D 119 48.86 1.34 22.78
CA VAL D 119 49.27 0.00 23.17
C VAL D 119 50.76 0.03 23.49
N SER D 120 51.13 -0.51 24.65
CA SER D 120 52.51 -0.48 25.10
C SER D 120 53.41 -1.37 24.25
N ASP D 137 41.39 -5.77 -2.39
CA ASP D 137 41.38 -4.44 -1.80
C ASP D 137 41.85 -3.39 -2.80
N ILE D 138 40.99 -2.42 -3.07
CA ILE D 138 41.35 -1.31 -3.96
C ILE D 138 42.38 -0.43 -3.27
N VAL D 139 43.46 -0.11 -3.98
CA VAL D 139 44.54 0.71 -3.47
C VAL D 139 44.31 2.15 -3.91
N MET D 140 44.17 3.05 -2.95
CA MET D 140 43.99 4.48 -3.23
C MET D 140 45.33 5.18 -3.00
N THR D 141 45.80 5.89 -4.02
CA THR D 141 47.13 6.48 -4.02
C THR D 141 47.03 8.00 -4.07
N GLN D 142 47.70 8.67 -3.14
CA GLN D 142 47.88 10.12 -3.14
C GLN D 142 49.38 10.37 -3.10
N ALA D 143 50.02 10.38 -4.27
CA ALA D 143 51.47 10.46 -4.32
C ALA D 143 51.98 11.77 -3.73
N THR D 144 51.31 12.88 -4.02
CA THR D 144 51.72 14.17 -3.50
C THR D 144 51.39 14.23 -2.00
N SER D 145 52.42 14.14 -1.16
CA SER D 145 52.19 14.17 0.29
C SER D 145 51.84 15.57 0.76
N SER D 146 52.52 16.59 0.24
CA SER D 146 52.30 17.96 0.68
C SER D 146 52.25 18.89 -0.53
N VAL D 147 51.51 19.98 -0.38
CA VAL D 147 51.36 20.97 -1.44
C VAL D 147 51.47 22.37 -0.81
N PRO D 148 52.46 23.17 -1.18
CA PRO D 148 52.52 24.55 -0.67
C PRO D 148 51.49 25.42 -1.38
N VAL D 149 50.67 26.11 -0.60
CA VAL D 149 49.56 26.90 -1.11
C VAL D 149 49.59 28.29 -0.52
N THR D 150 48.91 29.21 -1.18
CA THR D 150 48.74 30.58 -0.72
C THR D 150 47.26 30.95 -0.78
N PRO D 151 46.78 31.77 0.15
CA PRO D 151 45.36 32.12 0.17
C PRO D 151 44.92 32.80 -1.11
N GLY D 152 43.70 32.50 -1.54
CA GLY D 152 43.11 33.09 -2.73
C GLY D 152 43.53 32.45 -4.03
N GLU D 153 44.34 31.40 -4.01
CA GLU D 153 44.83 30.75 -5.21
C GLU D 153 44.18 29.39 -5.35
N SER D 154 43.97 28.97 -6.60
CA SER D 154 43.30 27.71 -6.87
C SER D 154 44.26 26.53 -6.70
N VAL D 155 43.79 25.48 -6.03
CA VAL D 155 44.59 24.30 -5.74
C VAL D 155 43.85 23.07 -6.23
N SER D 156 44.59 22.13 -6.80
CA SER D 156 44.05 20.85 -7.24
C SER D 156 44.78 19.72 -6.54
N ILE D 157 44.01 18.74 -6.07
CA ILE D 157 44.53 17.56 -5.38
C ILE D 157 44.12 16.34 -6.18
N SER D 158 45.06 15.43 -6.41
CA SER D 158 44.84 14.27 -7.26
C SER D 158 44.76 13.00 -6.42
N CYS D 159 43.89 12.09 -6.84
CA CYS D 159 43.74 10.78 -6.22
C CYS D 159 43.66 9.73 -7.33
N ARG D 160 44.19 8.54 -7.04
CA ARG D 160 44.18 7.45 -8.00
C ARG D 160 43.71 6.17 -7.31
N SER D 161 43.11 5.28 -8.10
CA SER D 161 42.61 4.01 -7.62
C SER D 161 43.10 2.88 -8.52
N SER D 162 43.40 1.74 -7.91
CA SER D 162 43.83 0.58 -8.69
C SER D 162 42.71 0.04 -9.57
N LYS D 163 41.47 0.15 -9.12
CA LYS D 163 40.30 -0.29 -9.87
C LYS D 163 39.44 0.91 -10.23
N SER D 164 38.64 0.76 -11.28
CA SER D 164 37.70 1.81 -11.66
C SER D 164 36.59 1.91 -10.61
N LEU D 165 36.40 3.11 -10.07
CA LEU D 165 35.36 3.36 -9.08
C LEU D 165 34.01 3.67 -9.70
N LEU D 166 33.92 3.73 -11.02
CA LEU D 166 32.63 3.94 -11.69
C LEU D 166 31.87 2.64 -11.75
N HIS D 167 30.69 2.62 -11.13
CA HIS D 167 29.83 1.45 -11.13
C HIS D 167 28.90 1.48 -12.34
N SER D 168 28.28 0.33 -12.62
CA SER D 168 27.37 0.24 -13.76
C SER D 168 26.09 1.05 -13.57
N ASN D 169 25.82 1.52 -12.35
CA ASN D 169 24.65 2.35 -12.11
C ASN D 169 24.89 3.83 -12.33
N GLY D 170 26.11 4.22 -12.73
CA GLY D 170 26.45 5.59 -13.01
C GLY D 170 27.15 6.31 -11.88
N ASN D 171 27.11 5.76 -10.67
CA ASN D 171 27.79 6.36 -9.53
C ASN D 171 29.28 6.04 -9.56
N THR D 172 30.08 7.01 -9.13
CA THR D 172 31.51 6.80 -8.87
C THR D 172 31.75 6.98 -7.38
N TYR D 173 31.97 5.87 -6.68
CA TYR D 173 31.97 5.86 -5.22
C TYR D 173 33.33 6.31 -4.70
N LEU D 174 33.58 7.61 -4.86
CA LEU D 174 34.78 8.26 -4.36
C LEU D 174 34.38 9.38 -3.41
N TYR D 175 35.04 9.45 -2.26
CA TYR D 175 34.73 10.43 -1.23
C TYR D 175 35.96 11.27 -0.94
N TRP D 176 35.73 12.53 -0.55
CA TRP D 176 36.78 13.44 -0.14
C TRP D 176 36.51 13.91 1.28
N PHE D 177 37.55 13.87 2.11
CA PHE D 177 37.46 14.31 3.50
C PHE D 177 38.52 15.36 3.77
N LEU D 178 38.24 16.24 4.72
CA LEU D 178 39.20 17.24 5.17
C LEU D 178 39.36 17.11 6.68
N GLN D 179 40.59 16.92 7.12
CA GLN D 179 40.91 16.86 8.55
C GLN D 179 41.80 18.05 8.88
N ARG D 180 41.19 19.11 9.40
CA ARG D 180 41.95 20.26 9.85
C ARG D 180 42.76 19.90 11.08
N PRO D 181 43.89 20.57 11.32
CA PRO D 181 44.74 20.22 12.47
C PRO D 181 43.99 20.35 13.77
N GLY D 182 43.95 19.25 14.53
CA GLY D 182 43.25 19.21 15.79
C GLY D 182 41.77 18.87 15.70
N GLN D 183 41.24 18.70 14.49
CA GLN D 183 39.81 18.47 14.30
C GLN D 183 39.58 17.09 13.68
N SER D 184 38.35 16.62 13.80
CA SER D 184 37.93 15.38 13.17
C SER D 184 37.71 15.59 11.67
N PRO D 185 37.79 14.52 10.88
CA PRO D 185 37.56 14.67 9.44
C PRO D 185 36.14 15.15 9.17
N GLN D 186 35.99 15.89 8.07
CA GLN D 186 34.70 16.37 7.61
C GLN D 186 34.52 16.00 6.14
N LEU D 187 33.29 15.63 5.78
CA LEU D 187 33.00 15.26 4.40
C LEU D 187 32.95 16.52 3.52
N LEU D 188 33.65 16.47 2.40
CA LEU D 188 33.59 17.53 1.40
C LEU D 188 32.80 17.11 0.17
N ILE D 189 33.22 16.02 -0.48
CA ILE D 189 32.62 15.55 -1.72
C ILE D 189 32.26 14.09 -1.55
N TYR D 190 31.02 13.72 -1.85
CA TYR D 190 30.58 12.33 -1.80
C TYR D 190 30.14 11.87 -3.18
N ARG D 191 30.54 10.65 -3.53
CA ARG D 191 30.34 10.09 -4.87
C ARG D 191 30.92 10.98 -5.95
N MET D 192 32.10 11.55 -5.67
CA MET D 192 33.04 12.11 -6.64
C MET D 192 32.61 13.46 -7.21
N SER D 193 31.34 13.82 -7.07
CA SER D 193 30.89 15.11 -7.60
C SER D 193 29.99 15.90 -6.66
N ASN D 194 29.24 15.25 -5.77
CA ASN D 194 28.26 15.94 -4.95
C ASN D 194 28.92 16.67 -3.80
N LEU D 195 28.40 17.84 -3.48
CA LEU D 195 28.94 18.69 -2.42
C LEU D 195 28.19 18.43 -1.13
N ALA D 196 28.91 18.15 -0.06
CA ALA D 196 28.28 17.84 1.21
C ALA D 196 27.63 19.06 1.84
N SER D 197 26.61 18.82 2.66
CA SER D 197 25.89 19.90 3.32
C SER D 197 26.80 20.67 4.25
N GLY D 198 26.73 22.00 4.17
CA GLY D 198 27.57 22.86 4.98
C GLY D 198 28.95 23.13 4.44
N VAL D 199 29.23 22.71 3.22
CA VAL D 199 30.56 22.88 2.61
C VAL D 199 30.46 24.01 1.59
N PRO D 200 31.39 24.96 1.59
CA PRO D 200 31.32 26.06 0.62
C PRO D 200 31.41 25.56 -0.81
N ASP D 201 30.77 26.29 -1.72
CA ASP D 201 30.70 25.91 -3.13
C ASP D 201 32.05 25.98 -3.84
N ARG D 202 33.06 26.59 -3.22
CA ARG D 202 34.37 26.68 -3.86
C ARG D 202 35.01 25.31 -4.06
N PHE D 203 34.70 24.35 -3.18
CA PHE D 203 35.15 22.98 -3.39
C PHE D 203 34.37 22.34 -4.53
N SER D 204 35.10 21.67 -5.43
CA SER D 204 34.49 20.96 -6.54
C SER D 204 35.26 19.67 -6.79
N GLY D 205 34.53 18.58 -6.99
CA GLY D 205 35.12 17.27 -7.25
C GLY D 205 34.91 16.87 -8.71
N SER D 206 36.03 16.53 -9.37
CA SER D 206 36.01 16.09 -10.75
C SER D 206 36.84 14.82 -10.87
N GLY D 207 36.37 13.89 -11.70
CA GLY D 207 37.10 12.65 -11.89
C GLY D 207 36.58 11.89 -13.08
N SER D 208 37.31 10.83 -13.43
CA SER D 208 36.89 9.90 -14.46
C SER D 208 37.64 8.60 -14.26
N GLY D 209 36.91 7.49 -14.26
CA GLY D 209 37.54 6.18 -14.18
C GLY D 209 38.34 5.97 -12.92
N THR D 210 39.67 6.01 -13.05
CA THR D 210 40.57 5.78 -11.93
C THR D 210 41.29 7.03 -11.46
N ALA D 211 41.15 8.16 -12.16
CA ALA D 211 41.86 9.39 -11.83
C ALA D 211 40.84 10.45 -11.41
N PHE D 212 41.10 11.07 -10.26
CA PHE D 212 40.17 12.03 -9.67
C PHE D 212 40.93 13.27 -9.20
N THR D 213 40.27 14.41 -9.28
CA THR D 213 40.85 15.69 -8.90
C THR D 213 39.87 16.46 -8.02
N LEU D 214 40.38 17.02 -6.92
CA LEU D 214 39.62 17.91 -6.06
C LEU D 214 40.16 19.32 -6.25
N THR D 215 39.33 20.21 -6.78
CA THR D 215 39.72 21.58 -7.06
C THR D 215 39.17 22.51 -5.99
N ILE D 216 40.05 23.34 -5.42
CA ILE D 216 39.69 24.27 -4.36
C ILE D 216 39.95 25.67 -4.88
N SER D 217 38.90 26.35 -5.35
CA SER D 217 39.04 27.70 -5.86
C SER D 217 39.03 28.69 -4.70
N ARG D 218 39.90 29.69 -4.77
CA ARG D 218 39.99 30.76 -3.77
C ARG D 218 40.23 30.17 -2.38
N LEU D 219 41.38 29.52 -2.23
CA LEU D 219 41.73 28.86 -0.98
C LEU D 219 41.74 29.86 0.18
N GLU D 220 41.28 29.40 1.34
CA GLU D 220 41.21 30.20 2.55
C GLU D 220 41.99 29.53 3.67
N ALA D 221 42.07 30.22 4.82
CA ALA D 221 42.81 29.68 5.95
C ALA D 221 42.18 28.41 6.49
N GLU D 222 40.85 28.35 6.49
CA GLU D 222 40.16 27.17 7.02
C GLU D 222 40.44 25.92 6.20
N ASP D 223 40.66 26.08 4.89
CA ASP D 223 40.88 24.93 4.02
C ASP D 223 42.21 24.22 4.30
N VAL D 224 43.12 24.86 5.04
CA VAL D 224 44.40 24.24 5.38
C VAL D 224 44.16 22.97 6.17
N GLY D 225 44.76 21.88 5.73
CA GLY D 225 44.63 20.61 6.41
C GLY D 225 45.06 19.48 5.50
N VAL D 226 44.78 18.26 5.96
CA VAL D 226 45.06 17.04 5.20
C VAL D 226 43.79 16.60 4.50
N TYR D 227 43.91 16.21 3.23
CA TYR D 227 42.78 15.77 2.43
C TYR D 227 42.94 14.28 2.12
N TYR D 228 41.89 13.51 2.40
CA TYR D 228 41.87 12.07 2.16
C TYR D 228 40.81 11.74 1.14
N CYS D 229 41.15 10.86 0.20
CA CYS D 229 40.18 10.29 -0.73
C CYS D 229 39.91 8.85 -0.34
N MET D 230 38.62 8.51 -0.21
CA MET D 230 38.18 7.19 0.19
C MET D 230 37.28 6.61 -0.89
N GLN D 231 37.39 5.31 -1.13
CA GLN D 231 36.51 4.61 -2.04
C GLN D 231 35.45 3.85 -1.25
N HIS D 232 34.22 3.87 -1.75
CA HIS D 232 33.13 3.10 -1.16
C HIS D 232 32.51 2.15 -2.19
N LEU D 233 33.29 1.76 -3.20
CA LEU D 233 32.78 0.84 -4.21
C LEU D 233 32.51 -0.53 -3.60
N GLU D 234 33.39 -0.99 -2.71
CA GLU D 234 33.26 -2.31 -2.11
C GLU D 234 34.05 -2.32 -0.81
N TYR D 235 33.76 -3.31 0.03
CA TYR D 235 34.50 -3.50 1.26
C TYR D 235 35.71 -4.40 1.03
N PRO D 236 36.83 -4.13 1.72
CA PRO D 236 37.04 -3.11 2.76
C PRO D 236 37.24 -1.69 2.20
N LEU D 237 36.66 -0.70 2.87
CA LEU D 237 36.86 0.69 2.47
C LEU D 237 38.31 1.09 2.73
N THR D 238 38.96 1.66 1.72
CA THR D 238 40.36 2.03 1.81
C THR D 238 40.55 3.52 1.59
N PHE D 239 41.50 4.10 2.32
CA PHE D 239 41.81 5.52 2.26
C PHE D 239 43.11 5.73 1.51
N GLY D 240 43.26 6.91 0.92
CA GLY D 240 44.55 7.32 0.41
C GLY D 240 45.48 7.77 1.53
N ALA D 241 46.75 7.94 1.17
CA ALA D 241 47.74 8.38 2.15
C ALA D 241 47.38 9.73 2.74
N GLY D 242 46.87 10.63 1.90
CA GLY D 242 46.47 11.97 2.31
C GLY D 242 47.43 13.01 1.75
N THR D 243 46.87 14.14 1.33
CA THR D 243 47.64 15.27 0.83
C THR D 243 47.46 16.45 1.77
N LYS D 244 48.58 16.96 2.30
CA LYS D 244 48.54 18.06 3.25
C LYS D 244 48.71 19.39 2.53
N LEU D 245 47.90 20.37 2.90
CA LEU D 245 48.04 21.73 2.40
C LEU D 245 48.65 22.60 3.48
N GLU D 246 49.72 23.31 3.13
CA GLU D 246 50.42 24.18 4.06
C GLU D 246 50.66 25.54 3.42
N LEU D 247 50.68 26.58 4.25
CA LEU D 247 50.89 27.94 3.78
C LEU D 247 52.38 28.25 3.67
N THR E 87 -8.87 -53.04 -20.09
CA THR E 87 -7.53 -52.84 -19.52
C THR E 87 -7.07 -51.40 -19.72
N ALA E 88 -7.16 -50.91 -20.95
CA ALA E 88 -6.76 -49.53 -21.23
C ALA E 88 -7.68 -48.53 -20.55
N VAL E 89 -8.92 -48.91 -20.28
CA VAL E 89 -9.84 -48.02 -19.57
C VAL E 89 -9.34 -47.74 -18.17
N LEU E 90 -8.85 -48.78 -17.48
CA LEU E 90 -8.28 -48.59 -16.15
C LEU E 90 -7.06 -47.67 -16.18
N ALA E 91 -6.24 -47.80 -17.22
CA ALA E 91 -5.08 -46.91 -17.36
C ALA E 91 -5.52 -45.46 -17.53
N ALA E 92 -6.57 -45.23 -18.32
CA ALA E 92 -7.07 -43.87 -18.50
C ALA E 92 -7.64 -43.31 -17.20
N LEU E 93 -8.37 -44.13 -16.44
CA LEU E 93 -8.95 -43.66 -15.19
C LEU E 93 -7.86 -43.26 -14.19
N MET E 94 -6.82 -44.09 -14.07
CA MET E 94 -5.70 -43.73 -13.21
C MET E 94 -5.00 -42.47 -13.72
N ALA E 95 -4.82 -42.37 -15.03
CA ALA E 95 -4.23 -41.15 -15.60
C ALA E 95 -5.09 -39.94 -15.34
N LEU E 96 -6.42 -40.10 -15.46
CA LEU E 96 -7.34 -38.99 -15.18
C LEU E 96 -7.20 -38.50 -13.74
N LEU E 97 -7.09 -39.45 -12.79
CA LEU E 97 -6.91 -39.06 -11.40
C LEU E 97 -5.59 -38.33 -11.19
N ILE E 98 -4.53 -38.75 -11.88
CA ILE E 98 -3.26 -38.04 -11.81
C ILE E 98 -3.40 -36.63 -12.35
N VAL E 99 -4.06 -36.49 -13.50
CA VAL E 99 -4.19 -35.18 -14.13
C VAL E 99 -5.01 -34.24 -13.25
N ALA E 100 -6.14 -34.72 -12.75
CA ALA E 100 -7.02 -33.87 -11.94
C ALA E 100 -6.35 -33.46 -10.63
N THR E 101 -5.63 -34.38 -9.99
CA THR E 101 -5.02 -34.08 -8.70
C THR E 101 -3.85 -33.11 -8.84
N VAL E 102 -3.08 -33.23 -9.91
CA VAL E 102 -1.88 -32.42 -10.05
C VAL E 102 -2.24 -30.96 -10.34
N LEU E 103 -2.93 -30.72 -11.46
CA LEU E 103 -3.25 -29.35 -11.83
C LEU E 103 -4.30 -28.75 -10.92
N GLY E 104 -5.22 -29.57 -10.40
CA GLY E 104 -6.23 -29.06 -9.48
C GLY E 104 -5.63 -28.47 -8.23
N ASN E 105 -4.64 -29.15 -7.64
CA ASN E 105 -3.92 -28.62 -6.50
C ASN E 105 -2.82 -27.64 -6.88
N ALA E 106 -2.44 -27.59 -8.16
CA ALA E 106 -1.46 -26.61 -8.60
C ALA E 106 -2.07 -25.22 -8.69
N LEU E 107 -3.33 -25.14 -9.13
CA LEU E 107 -3.99 -23.84 -9.23
C LEU E 107 -4.10 -23.17 -7.86
N VAL E 108 -4.35 -23.96 -6.82
CA VAL E 108 -4.41 -23.41 -5.47
C VAL E 108 -3.05 -22.85 -5.07
N MET E 109 -1.97 -23.57 -5.39
CA MET E 109 -0.64 -23.08 -5.09
C MET E 109 -0.28 -21.89 -5.97
N LEU E 110 -0.69 -21.92 -7.23
CA LEU E 110 -0.42 -20.79 -8.13
C LEU E 110 -1.14 -19.53 -7.65
N ALA E 111 -2.41 -19.67 -7.25
CA ALA E 111 -3.16 -18.51 -6.77
C ALA E 111 -2.59 -17.97 -5.46
N PHE E 112 -2.08 -18.85 -4.60
CA PHE E 112 -1.48 -18.38 -3.36
C PHE E 112 -0.25 -17.52 -3.62
N VAL E 113 0.58 -17.93 -4.58
CA VAL E 113 1.77 -17.15 -4.91
C VAL E 113 1.39 -15.88 -5.63
N ALA E 114 0.42 -15.95 -6.54
CA ALA E 114 0.07 -14.79 -7.37
C ALA E 114 -0.46 -13.65 -6.52
N ASP E 115 -1.35 -13.94 -5.58
CA ASP E 115 -1.99 -12.93 -4.75
C ASP E 115 -1.28 -12.84 -3.40
N SER E 116 -0.88 -11.64 -3.01
CA SER E 116 -0.23 -11.41 -1.73
C SER E 116 -1.23 -11.10 -0.62
N SER E 117 -2.50 -10.90 -0.94
CA SER E 117 -3.51 -10.67 0.09
C SER E 117 -4.02 -11.96 0.71
N LEU E 118 -3.69 -13.12 0.13
CA LEU E 118 -4.10 -14.41 0.67
C LEU E 118 -3.08 -14.91 1.68
N ARG E 119 -2.92 -14.13 2.77
CA ARG E 119 -1.94 -14.44 3.80
C ARG E 119 -2.58 -14.59 5.18
N THR E 120 -3.89 -14.85 5.23
CA THR E 120 -4.53 -15.17 6.50
C THR E 120 -4.23 -16.62 6.87
N GLN E 121 -4.40 -16.93 8.16
CA GLN E 121 -4.14 -18.28 8.64
C GLN E 121 -4.97 -19.31 7.90
N ASN E 122 -6.21 -18.97 7.54
CA ASN E 122 -7.04 -19.87 6.77
C ASN E 122 -6.44 -20.12 5.38
N ASN E 123 -5.89 -19.07 4.76
CA ASN E 123 -5.32 -19.22 3.43
C ASN E 123 -4.08 -20.10 3.45
N PHE E 124 -3.27 -20.02 4.52
CA PHE E 124 -2.14 -20.93 4.66
C PHE E 124 -2.61 -22.37 4.81
N PHE E 125 -3.68 -22.59 5.58
CA PHE E 125 -4.15 -23.96 5.80
C PHE E 125 -4.67 -24.58 4.52
N LEU E 126 -5.34 -23.79 3.67
CA LEU E 126 -5.76 -24.30 2.37
C LEU E 126 -4.56 -24.62 1.49
N LEU E 127 -3.50 -23.81 1.58
CA LEU E 127 -2.28 -24.10 0.84
C LEU E 127 -1.65 -25.40 1.31
N ASN E 128 -1.57 -25.59 2.62
CA ASN E 128 -0.99 -26.82 3.16
C ASN E 128 -1.77 -28.05 2.71
N LEU E 129 -3.11 -27.96 2.71
CA LEU E 129 -3.92 -29.04 2.18
C LEU E 129 -3.65 -29.25 0.69
N ALA E 130 -3.45 -28.17 -0.06
CA ALA E 130 -3.14 -28.29 -1.47
C ALA E 130 -1.76 -28.89 -1.68
N ILE E 131 -0.78 -28.48 -0.87
CA ILE E 131 0.57 -29.00 -1.02
C ILE E 131 0.60 -30.49 -0.71
N SER E 132 -0.06 -30.90 0.38
CA SER E 132 -0.10 -32.31 0.74
C SER E 132 -0.79 -33.15 -0.32
N ASP E 133 -1.88 -32.63 -0.89
CA ASP E 133 -2.60 -33.37 -1.93
C ASP E 133 -1.90 -33.30 -3.28
N PHE E 134 -1.14 -32.22 -3.53
CA PHE E 134 -0.43 -32.11 -4.80
C PHE E 134 0.62 -33.21 -4.94
N LEU E 135 1.37 -33.49 -3.87
CA LEU E 135 2.39 -34.53 -3.94
C LEU E 135 1.80 -35.92 -4.04
N VAL E 136 0.54 -36.11 -3.64
CA VAL E 136 -0.11 -37.41 -3.78
C VAL E 136 -0.25 -37.77 -5.25
N GLY E 137 -0.78 -36.83 -6.05
CA GLY E 137 -0.99 -37.08 -7.46
C GLY E 137 0.24 -36.96 -8.33
N ALA E 138 1.33 -36.41 -7.81
CA ALA E 138 2.54 -36.21 -8.58
C ALA E 138 3.66 -37.18 -8.22
N PHE E 139 3.65 -37.75 -7.02
CA PHE E 139 4.70 -38.65 -6.56
C PHE E 139 4.17 -40.05 -6.27
N CYS E 140 3.06 -40.15 -5.53
CA CYS E 140 2.57 -41.45 -5.07
C CYS E 140 1.81 -42.18 -6.17
N ILE E 141 0.74 -41.57 -6.68
CA ILE E 141 -0.08 -42.23 -7.68
C ILE E 141 0.70 -42.58 -8.95
N PRO E 142 1.49 -41.67 -9.54
CA PRO E 142 2.25 -42.08 -10.73
C PRO E 142 3.20 -43.24 -10.48
N LEU E 143 3.82 -43.30 -9.30
CA LEU E 143 4.74 -44.38 -9.00
C LEU E 143 4.03 -45.68 -8.69
N TYR E 144 2.76 -45.62 -8.31
CA TYR E 144 1.97 -46.81 -8.00
C TYR E 144 1.28 -47.40 -9.22
N VAL E 145 1.27 -46.69 -10.35
CA VAL E 145 0.63 -47.21 -11.56
C VAL E 145 1.29 -48.51 -12.04
N PRO E 146 2.61 -48.62 -12.12
CA PRO E 146 3.19 -49.92 -12.51
C PRO E 146 2.83 -51.05 -11.58
N TYR E 147 2.61 -50.77 -10.29
CA TYR E 147 2.26 -51.82 -9.33
C TYR E 147 0.92 -52.46 -9.69
N VAL E 148 0.03 -51.72 -10.33
CA VAL E 148 -1.29 -52.25 -10.69
C VAL E 148 -1.26 -52.92 -12.06
N LEU E 149 -0.68 -52.24 -13.06
CA LEU E 149 -0.67 -52.79 -14.41
C LEU E 149 0.18 -54.05 -14.49
N THR E 150 1.34 -54.06 -13.83
CA THR E 150 2.21 -55.23 -13.87
C THR E 150 1.91 -56.23 -12.76
N GLY E 151 1.46 -55.76 -11.60
CA GLY E 151 1.19 -56.64 -10.48
C GLY E 151 2.35 -56.87 -9.55
N ARG E 152 3.54 -56.35 -9.88
CA ARG E 152 4.71 -56.52 -9.04
C ARG E 152 5.43 -55.18 -8.90
N TRP E 153 6.10 -55.01 -7.76
CA TRP E 153 6.88 -53.81 -7.49
C TRP E 153 8.28 -54.00 -8.06
N THR E 154 8.56 -53.33 -9.17
CA THR E 154 9.83 -53.47 -9.87
C THR E 154 10.80 -52.33 -9.58
N PHE E 155 10.50 -51.49 -8.60
CA PHE E 155 11.36 -50.36 -8.27
C PHE E 155 12.35 -50.66 -7.15
N GLY E 156 12.37 -51.89 -6.64
CA GLY E 156 13.34 -52.28 -5.64
C GLY E 156 12.82 -52.13 -4.22
N ARG E 157 13.44 -52.88 -3.31
CA ARG E 157 13.07 -52.84 -1.90
C ARG E 157 13.37 -51.48 -1.29
N GLY E 158 14.51 -50.88 -1.65
CA GLY E 158 14.88 -49.61 -1.06
C GLY E 158 13.92 -48.50 -1.41
N LEU E 159 13.51 -48.41 -2.67
CA LEU E 159 12.60 -47.36 -3.08
C LEU E 159 11.19 -47.59 -2.56
N CYS E 160 10.82 -48.84 -2.28
CA CYS E 160 9.49 -49.11 -1.73
C CYS E 160 9.31 -48.47 -0.36
N LYS E 161 10.35 -48.47 0.47
CA LYS E 161 10.24 -47.83 1.78
C LYS E 161 10.05 -46.33 1.64
N LEU E 162 10.72 -45.70 0.67
CA LEU E 162 10.51 -44.29 0.43
C LEU E 162 9.08 -44.01 0.01
N TRP E 163 8.54 -44.82 -0.90
CA TRP E 163 7.16 -44.64 -1.35
C TRP E 163 6.17 -44.87 -0.22
N LEU E 164 6.40 -45.88 0.61
CA LEU E 164 5.50 -46.13 1.73
C LEU E 164 5.48 -44.97 2.71
N VAL E 165 6.65 -44.42 3.04
CA VAL E 165 6.72 -43.34 4.00
C VAL E 165 6.04 -42.08 3.44
N VAL E 166 6.33 -41.76 2.18
CA VAL E 166 5.75 -40.56 1.57
C VAL E 166 4.24 -40.71 1.45
N ASP E 167 3.77 -41.88 1.02
CA ASP E 167 2.33 -42.08 0.83
C ASP E 167 1.58 -41.98 2.15
N TYR E 168 2.11 -42.57 3.21
CA TYR E 168 1.46 -42.48 4.52
C TYR E 168 1.62 -41.10 5.13
N LEU E 169 2.71 -40.41 4.84
CA LEU E 169 2.90 -39.06 5.35
C LEU E 169 1.90 -38.09 4.74
N LEU E 170 1.70 -38.16 3.42
CA LEU E 170 0.82 -37.21 2.75
C LEU E 170 -0.64 -37.44 3.11
N CYS E 171 -1.07 -38.71 3.14
CA CYS E 171 -2.46 -39.01 3.50
C CYS E 171 -2.77 -38.60 4.94
N THR E 172 -1.85 -38.87 5.86
CA THR E 172 -2.05 -38.46 7.24
C THR E 172 -2.07 -36.94 7.37
N SER E 173 -1.20 -36.25 6.65
CA SER E 173 -1.19 -34.79 6.70
C SER E 173 -2.45 -34.21 6.06
N SER E 174 -2.97 -34.86 5.01
CA SER E 174 -4.21 -34.40 4.40
C SER E 174 -5.38 -34.48 5.36
N ALA E 175 -5.45 -35.56 6.15
CA ALA E 175 -6.49 -35.67 7.16
C ALA E 175 -6.30 -34.65 8.28
N PHE E 176 -5.03 -34.40 8.66
CA PHE E 176 -4.77 -33.45 9.74
C PHE E 176 -4.99 -32.01 9.28
N ASN E 177 -4.76 -31.72 8.01
CA ASN E 177 -5.08 -30.39 7.49
C ASN E 177 -6.58 -30.12 7.54
N ILE E 178 -7.39 -31.14 7.22
CA ILE E 178 -8.85 -30.96 7.24
C ILE E 178 -9.32 -30.65 8.66
N VAL E 179 -8.75 -31.31 9.66
CA VAL E 179 -9.06 -30.97 11.05
C VAL E 179 -8.59 -29.57 11.38
N LEU E 180 -7.43 -29.18 10.85
CA LEU E 180 -6.91 -27.84 11.09
C LEU E 180 -7.80 -26.79 10.45
N ILE E 181 -8.28 -27.04 9.22
CA ILE E 181 -9.17 -26.09 8.56
C ILE E 181 -10.49 -26.01 9.31
N SER E 182 -11.06 -27.15 9.68
CA SER E 182 -12.33 -27.15 10.40
C SER E 182 -12.20 -26.51 11.78
N TYR E 183 -11.05 -26.70 12.43
CA TYR E 183 -10.79 -26.03 13.70
C TYR E 183 -10.68 -24.52 13.50
N ASP E 184 -10.07 -24.08 12.40
CA ASP E 184 -9.98 -22.67 12.10
C ASP E 184 -11.35 -22.05 11.89
N ARG E 185 -12.22 -22.75 11.15
CA ARG E 185 -13.58 -22.26 10.94
C ARG E 185 -14.38 -22.27 12.24
N PHE E 186 -14.07 -23.19 13.15
CA PHE E 186 -14.77 -23.23 14.44
C PHE E 186 -14.42 -22.02 15.30
N LEU E 187 -13.16 -21.58 15.24
CA LEU E 187 -12.75 -20.41 16.03
C LEU E 187 -13.38 -19.14 15.49
N SER E 188 -13.52 -19.03 14.17
CA SER E 188 -14.05 -17.80 13.58
C SER E 188 -15.49 -17.55 14.03
N VAL E 189 -16.32 -18.58 14.07
CA VAL E 189 -17.71 -18.40 14.47
C VAL E 189 -17.82 -18.20 15.98
N THR E 190 -17.06 -18.97 16.76
CA THR E 190 -17.23 -18.93 18.21
C THR E 190 -16.44 -17.79 18.84
N ARG E 191 -15.12 -17.79 18.66
CA ARG E 191 -14.27 -16.72 19.17
C ARG E 191 -13.98 -15.68 18.08
N ALA E 192 -15.04 -15.01 17.66
CA ALA E 192 -14.95 -14.10 16.51
C ALA E 192 -14.02 -12.92 16.80
N VAL E 193 -14.08 -12.37 18.00
CA VAL E 193 -13.26 -11.23 18.36
C VAL E 193 -11.78 -11.62 18.37
N SER E 194 -11.47 -12.77 18.98
CA SER E 194 -10.08 -13.19 19.05
C SER E 194 -9.57 -13.70 17.71
N TYR E 195 -10.45 -14.31 16.91
CA TYR E 195 -10.04 -14.80 15.60
C TYR E 195 -9.63 -13.65 14.68
N ARG E 196 -10.38 -12.55 14.72
CA ARG E 196 -10.07 -11.43 13.83
C ARG E 196 -8.78 -10.73 14.25
N ALA E 197 -8.51 -10.66 15.56
CA ALA E 197 -7.26 -10.07 16.02
C ALA E 197 -6.06 -10.89 15.58
N GLN E 198 -6.16 -12.22 15.68
CA GLN E 198 -5.07 -13.11 15.30
C GLN E 198 -5.07 -13.46 13.82
N GLN E 199 -6.09 -13.04 13.08
CA GLN E 199 -6.12 -13.27 11.64
C GLN E 199 -4.96 -12.53 10.97
N GLY E 200 -4.28 -13.21 10.05
CA GLY E 200 -3.13 -12.64 9.39
C GLY E 200 -1.80 -12.86 10.08
N ASP E 201 -1.80 -13.51 11.25
CA ASP E 201 -0.57 -13.82 11.97
C ASP E 201 0.09 -15.02 11.31
N THR E 202 1.01 -14.74 10.39
CA THR E 202 1.70 -15.81 9.66
C THR E 202 2.57 -16.67 10.57
N ARG E 203 3.04 -16.11 11.69
CA ARG E 203 3.87 -16.90 12.60
C ARG E 203 3.10 -18.07 13.19
N ARG E 204 1.84 -17.85 13.58
CA ARG E 204 1.01 -18.94 14.07
C ARG E 204 0.65 -19.91 12.94
N ALA E 205 0.40 -19.39 11.75
CA ALA E 205 0.01 -20.25 10.63
C ALA E 205 1.11 -21.23 10.28
N VAL E 206 2.35 -20.74 10.18
CA VAL E 206 3.47 -21.61 9.86
C VAL E 206 3.73 -22.59 10.99
N ARG E 207 3.59 -22.13 12.24
CA ARG E 207 3.81 -23.02 13.39
C ARG E 207 2.81 -24.17 13.39
N LYS E 208 1.54 -23.88 13.08
CA LYS E 208 0.54 -24.94 13.03
C LYS E 208 0.71 -25.82 11.80
N MET E 209 1.18 -25.26 10.68
CA MET E 209 1.44 -26.07 9.49
C MET E 209 2.56 -27.08 9.74
N LEU E 210 3.62 -26.65 10.42
CA LEU E 210 4.73 -27.57 10.71
C LEU E 210 4.30 -28.68 11.66
N LEU E 211 3.46 -28.36 12.65
CA LEU E 211 2.98 -29.37 13.57
C LEU E 211 2.15 -30.44 12.87
N VAL E 212 1.47 -30.07 11.79
CA VAL E 212 0.71 -31.06 11.02
C VAL E 212 1.65 -32.07 10.37
N TRP E 213 2.72 -31.59 9.74
CA TRP E 213 3.64 -32.49 9.05
C TRP E 213 4.48 -33.30 10.04
N VAL E 214 4.92 -32.66 11.13
CA VAL E 214 5.73 -33.37 12.12
C VAL E 214 4.94 -34.50 12.76
N LEU E 215 3.73 -34.21 13.23
CA LEU E 215 2.90 -35.24 13.84
C LEU E 215 2.48 -36.30 12.83
N ALA E 216 2.34 -35.92 11.55
CA ALA E 216 2.01 -36.91 10.53
C ALA E 216 3.15 -37.91 10.36
N PHE E 217 4.40 -37.43 10.38
CA PHE E 217 5.54 -38.33 10.20
C PHE E 217 5.74 -39.22 11.43
N LEU E 218 5.66 -38.64 12.63
CA LEU E 218 5.90 -39.42 13.85
C LEU E 218 4.87 -40.51 14.04
N LEU E 219 3.71 -40.44 13.37
CA LEU E 219 2.71 -41.48 13.49
C LEU E 219 3.09 -42.74 12.72
N TYR E 220 3.65 -42.59 11.52
CA TYR E 220 3.97 -43.73 10.68
C TYR E 220 5.41 -43.77 10.19
N GLY E 221 6.17 -42.69 10.31
CA GLY E 221 7.54 -42.67 9.84
C GLY E 221 8.42 -43.67 10.55
N PRO E 222 8.60 -43.50 11.86
CA PRO E 222 9.40 -44.47 12.62
C PRO E 222 8.85 -45.89 12.55
N ALA E 223 7.52 -46.04 12.48
CA ALA E 223 6.94 -47.39 12.47
C ALA E 223 7.32 -48.13 11.19
N ILE E 224 7.21 -47.47 10.04
CA ILE E 224 7.52 -48.13 8.78
C ILE E 224 9.00 -48.45 8.68
N LEU E 225 9.86 -47.50 9.06
CA LEU E 225 11.30 -47.67 8.86
C LEU E 225 11.89 -48.68 9.83
N SER E 226 11.45 -48.66 11.09
CA SER E 226 12.09 -49.44 12.14
C SER E 226 11.38 -50.74 12.46
N TRP E 227 10.33 -51.10 11.70
CA TRP E 227 9.62 -52.34 11.99
C TRP E 227 10.47 -53.55 11.62
N GLU E 228 11.08 -53.52 10.44
CA GLU E 228 11.93 -54.63 10.00
C GLU E 228 13.14 -54.79 10.91
N TYR E 229 13.76 -53.68 11.30
CA TYR E 229 15.00 -53.72 12.06
C TYR E 229 14.79 -54.00 13.55
N LEU E 230 13.54 -54.05 14.02
CA LEU E 230 13.26 -54.36 15.41
C LEU E 230 12.48 -55.65 15.61
N SER E 231 11.74 -56.12 14.61
CA SER E 231 10.98 -57.36 14.70
C SER E 231 11.73 -58.55 14.14
N GLY E 232 12.97 -58.37 13.68
CA GLY E 232 13.73 -59.45 13.10
C GLY E 232 13.85 -59.36 11.59
N GLY E 233 13.14 -60.23 10.88
CA GLY E 233 13.12 -60.22 9.44
C GLY E 233 11.93 -59.47 8.88
N SER E 234 11.81 -59.52 7.55
CA SER E 234 10.71 -58.89 6.84
C SER E 234 9.85 -59.97 6.19
N SER E 235 8.55 -59.93 6.47
CA SER E 235 7.61 -60.90 5.93
C SER E 235 7.10 -60.53 4.55
N ILE E 236 7.53 -59.41 4.00
CA ILE E 236 7.06 -58.94 2.69
C ILE E 236 7.75 -59.74 1.59
N PRO E 237 7.00 -60.43 0.73
CA PRO E 237 7.63 -61.18 -0.37
C PRO E 237 8.26 -60.23 -1.39
N GLU E 238 9.26 -60.75 -2.08
CA GLU E 238 9.94 -59.98 -3.11
C GLU E 238 8.99 -59.63 -4.24
N GLY E 239 9.06 -58.38 -4.70
CA GLY E 239 8.18 -57.89 -5.74
C GLY E 239 6.90 -57.25 -5.26
N HIS E 240 6.61 -57.28 -3.97
CA HIS E 240 5.43 -56.65 -3.41
C HIS E 240 5.85 -55.51 -2.48
N CYS E 241 5.07 -54.44 -2.49
CA CYS E 241 5.38 -53.24 -1.71
C CYS E 241 4.16 -52.85 -0.89
N TYR E 242 4.21 -53.12 0.41
CA TYR E 242 3.19 -52.65 1.34
C TYR E 242 3.82 -52.59 2.72
N ALA E 243 3.09 -51.96 3.65
CA ALA E 243 3.64 -51.69 4.97
C ALA E 243 3.89 -52.98 5.74
N GLU E 244 4.83 -52.92 6.68
CA GLU E 244 5.12 -54.09 7.51
C GLU E 244 3.94 -54.44 8.41
N PHE E 245 3.23 -53.42 8.91
CA PHE E 245 2.07 -53.63 9.76
C PHE E 245 0.79 -53.85 8.95
N PHE E 246 0.90 -54.29 7.70
CA PHE E 246 -0.27 -54.45 6.85
C PHE E 246 -1.24 -55.48 7.41
N TYR E 247 -0.72 -56.53 8.06
CA TYR E 247 -1.55 -57.58 8.62
C TYR E 247 -1.61 -57.55 10.14
N ASN E 248 -0.95 -56.58 10.78
CA ASN E 248 -1.04 -56.43 12.22
C ASN E 248 -2.41 -55.92 12.61
N TRP E 249 -2.94 -56.44 13.72
CA TRP E 249 -4.26 -56.05 14.20
C TRP E 249 -4.20 -55.02 15.32
N TYR E 250 -3.30 -55.19 16.29
CA TYR E 250 -3.25 -54.28 17.43
C TYR E 250 -2.75 -52.90 17.01
N PHE E 251 -1.82 -52.84 16.06
CA PHE E 251 -1.28 -51.56 15.63
C PHE E 251 -2.26 -50.81 14.74
N LEU E 252 -2.99 -51.52 13.87
CA LEU E 252 -3.88 -50.86 12.93
C LEU E 252 -5.03 -50.17 13.67
N ILE E 253 -5.66 -50.85 14.63
CA ILE E 253 -6.77 -50.25 15.34
C ILE E 253 -6.32 -49.06 16.17
N THR E 254 -5.12 -49.16 16.78
CA THR E 254 -4.59 -48.03 17.54
C THR E 254 -4.22 -46.87 16.63
N ALA E 255 -3.57 -47.16 15.50
CA ALA E 255 -3.21 -46.11 14.57
C ALA E 255 -4.44 -45.46 13.93
N SER E 256 -5.43 -46.29 13.55
CA SER E 256 -6.63 -45.75 12.90
C SER E 256 -7.44 -44.87 13.86
N THR E 257 -7.37 -45.14 15.16
CA THR E 257 -8.06 -44.30 16.12
C THR E 257 -7.51 -42.87 16.09
N LEU E 258 -6.19 -42.73 15.96
CA LEU E 258 -5.56 -41.43 15.84
C LEU E 258 -5.44 -40.95 14.40
N GLU E 259 -5.80 -41.78 13.42
CA GLU E 259 -5.69 -41.42 12.01
C GLU E 259 -7.02 -40.99 11.39
N PHE E 260 -8.09 -41.72 11.67
CA PHE E 260 -9.39 -41.37 11.10
C PHE E 260 -10.48 -41.20 12.14
N PHE E 261 -10.51 -42.04 13.18
CA PHE E 261 -11.60 -41.97 14.15
C PHE E 261 -11.59 -40.66 14.90
N THR E 262 -10.43 -40.25 15.43
CA THR E 262 -10.34 -38.95 16.09
C THR E 262 -10.53 -37.80 15.12
N PRO E 263 -9.86 -37.75 13.96
CA PRO E 263 -10.11 -36.62 13.04
C PRO E 263 -11.55 -36.51 12.57
N PHE E 264 -12.22 -37.64 12.32
CA PHE E 264 -13.61 -37.58 11.84
C PHE E 264 -14.54 -37.02 12.90
N LEU E 265 -14.33 -37.40 14.17
CA LEU E 265 -15.16 -36.85 15.24
C LEU E 265 -14.83 -35.39 15.50
N SER E 266 -13.57 -34.98 15.33
CA SER E 266 -13.21 -33.58 15.48
C SER E 266 -13.84 -32.73 14.40
N VAL E 267 -13.81 -33.20 13.15
CA VAL E 267 -14.46 -32.46 12.07
C VAL E 267 -15.97 -32.42 12.27
N THR E 268 -16.56 -33.55 12.70
CA THR E 268 -18.00 -33.57 12.96
C THR E 268 -18.37 -32.63 14.09
N PHE E 269 -17.59 -32.62 15.18
CA PHE E 269 -17.89 -31.74 16.30
C PHE E 269 -17.72 -30.28 15.91
N PHE E 270 -16.66 -29.96 15.15
CA PHE E 270 -16.41 -28.57 14.78
C PHE E 270 -17.48 -28.05 13.82
N ASN E 271 -17.82 -28.84 12.80
CA ASN E 271 -18.82 -28.40 11.84
C ASN E 271 -20.22 -28.42 12.44
N LEU E 272 -20.46 -29.21 13.48
CA LEU E 272 -21.75 -29.17 14.16
C LEU E 272 -21.87 -27.94 15.05
N SER E 273 -20.78 -27.57 15.74
CA SER E 273 -20.81 -26.39 16.59
C SER E 273 -20.98 -25.11 15.79
N ILE E 274 -20.46 -25.08 14.55
CA ILE E 274 -20.71 -23.95 13.68
C ILE E 274 -22.19 -23.82 13.36
N TYR E 275 -22.85 -24.94 13.06
CA TYR E 275 -24.26 -24.92 12.75
C TYR E 275 -25.10 -24.49 13.96
N LEU E 276 -24.75 -25.00 15.15
CA LEU E 276 -25.50 -24.62 16.34
C LEU E 276 -25.35 -23.13 16.65
N ASN E 277 -24.14 -22.60 16.51
CA ASN E 277 -23.92 -21.18 16.78
C ASN E 277 -24.66 -20.30 15.78
N ILE E 278 -24.66 -20.68 14.49
CA ILE E 278 -25.34 -19.89 13.48
C ILE E 278 -26.84 -19.91 13.72
N GLN E 279 -27.41 -21.08 13.99
CA GLN E 279 -28.84 -21.17 14.25
C GLN E 279 -29.22 -20.42 15.52
N ARG E 280 -28.41 -20.56 16.59
CA ARG E 280 -28.72 -19.87 17.83
C ARG E 280 -28.63 -18.36 17.67
N ARG E 281 -27.60 -17.87 16.97
CA ARG E 281 -27.45 -16.43 16.79
C ARG E 281 -28.57 -15.86 15.93
N THR E 282 -29.00 -16.59 14.91
CA THR E 282 -30.12 -16.13 14.09
C THR E 282 -31.42 -16.13 14.88
N ARG E 283 -31.60 -17.09 15.79
CA ARG E 283 -32.82 -17.14 16.60
C ARG E 283 -32.96 -15.89 17.45
N LEU E 284 -31.88 -15.44 18.06
CA LEU E 284 -31.92 -14.19 18.81
C LEU E 284 -32.12 -12.99 17.91
N ARG E 285 -31.60 -13.05 16.68
CA ARG E 285 -31.78 -11.94 15.75
C ARG E 285 -33.25 -11.75 15.38
N LEU E 286 -33.95 -12.84 15.08
CA LEU E 286 -35.36 -12.73 14.71
C LEU E 286 -36.24 -12.38 15.90
N ASP E 287 -35.96 -12.98 17.06
CA ASP E 287 -36.74 -12.68 18.26
C ASP E 287 -36.58 -11.22 18.67
N SER E 396 -39.64 -10.32 7.11
CA SER E 396 -39.36 -9.42 5.99
C SER E 396 -38.36 -10.03 5.03
N PHE E 397 -37.99 -9.26 4.00
CA PHE E 397 -37.06 -9.75 3.00
C PHE E 397 -35.69 -10.04 3.61
N THR E 398 -35.27 -9.22 4.56
CA THR E 398 -33.98 -9.43 5.22
C THR E 398 -33.98 -10.70 6.07
N GLN E 399 -35.07 -10.94 6.79
CA GLN E 399 -35.13 -12.11 7.66
C GLN E 399 -35.20 -13.41 6.85
N ARG E 400 -35.88 -13.38 5.69
CA ARG E 400 -35.90 -14.54 4.82
C ARG E 400 -34.51 -14.88 4.29
N PHE E 401 -33.75 -13.85 3.91
CA PHE E 401 -32.42 -14.08 3.33
C PHE E 401 -31.48 -14.70 4.35
N ARG E 402 -31.51 -14.23 5.59
CA ARG E 402 -30.62 -14.76 6.62
C ARG E 402 -30.93 -16.23 6.90
N LEU E 403 -32.22 -16.58 6.99
CA LEU E 403 -32.58 -17.98 7.19
C LEU E 403 -32.16 -18.85 6.01
N SER E 404 -32.31 -18.33 4.78
CA SER E 404 -31.86 -19.06 3.61
C SER E 404 -30.35 -19.23 3.60
N ARG E 405 -29.62 -18.21 4.06
CA ARG E 405 -28.17 -18.29 4.11
C ARG E 405 -27.72 -19.35 5.11
N ASP E 406 -28.40 -19.45 6.25
CA ASP E 406 -28.05 -20.46 7.25
C ASP E 406 -28.24 -21.86 6.70
N ARG E 407 -29.31 -22.09 5.93
CA ARG E 407 -29.53 -23.40 5.32
C ARG E 407 -28.44 -23.72 4.30
N LYS E 408 -27.98 -22.72 3.55
CA LYS E 408 -26.90 -22.94 2.60
C LYS E 408 -25.61 -23.35 3.30
N VAL E 409 -25.32 -22.72 4.45
CA VAL E 409 -24.14 -23.12 5.23
C VAL E 409 -24.32 -24.53 5.77
N ALA E 410 -25.53 -24.87 6.21
CA ALA E 410 -25.78 -26.21 6.76
C ALA E 410 -25.51 -27.28 5.72
N LYS E 411 -25.96 -27.06 4.49
CA LYS E 411 -25.67 -28.02 3.42
C LYS E 411 -24.18 -28.05 3.10
N SER E 412 -23.51 -26.90 3.17
CA SER E 412 -22.07 -26.85 2.94
C SER E 412 -21.32 -27.64 4.01
N LEU E 413 -21.73 -27.50 5.27
CA LEU E 413 -21.06 -28.21 6.35
C LEU E 413 -21.32 -29.71 6.29
N ALA E 414 -22.50 -30.12 5.81
CA ALA E 414 -22.83 -31.54 5.77
C ALA E 414 -22.05 -32.26 4.69
N VAL E 415 -21.85 -31.62 3.53
CA VAL E 415 -21.10 -32.25 2.45
C VAL E 415 -19.64 -32.43 2.86
N ILE E 416 -19.07 -31.46 3.57
CA ILE E 416 -17.67 -31.54 3.95
C ILE E 416 -17.43 -32.72 4.88
N VAL E 417 -18.31 -32.91 5.86
CA VAL E 417 -18.19 -34.06 6.75
C VAL E 417 -18.48 -35.35 6.00
N SER E 418 -19.41 -35.32 5.06
CA SER E 418 -19.76 -36.52 4.32
C SER E 418 -18.64 -36.97 3.40
N ILE E 419 -18.08 -36.03 2.62
CA ILE E 419 -17.05 -36.41 1.64
C ILE E 419 -15.81 -36.94 2.34
N PHE E 420 -15.38 -36.28 3.41
CA PHE E 420 -14.23 -36.76 4.16
C PHE E 420 -14.50 -38.13 4.78
N GLY E 421 -15.69 -38.31 5.34
CA GLY E 421 -16.04 -39.61 5.88
C GLY E 421 -16.21 -40.67 4.80
N LEU E 422 -16.83 -40.30 3.67
CA LEU E 422 -17.10 -41.28 2.63
C LEU E 422 -15.80 -41.83 2.02
N CYS E 423 -14.79 -40.97 1.87
CA CYS E 423 -13.55 -41.42 1.25
C CYS E 423 -12.67 -42.24 2.19
N TRP E 424 -12.70 -41.94 3.49
CA TRP E 424 -11.77 -42.54 4.44
C TRP E 424 -12.34 -43.70 5.23
N ALA E 425 -13.65 -43.72 5.49
CA ALA E 425 -14.23 -44.78 6.32
C ALA E 425 -14.07 -46.17 5.71
N PRO E 426 -14.35 -46.41 4.42
CA PRO E 426 -14.23 -47.79 3.91
C PRO E 426 -12.84 -48.38 4.08
N TYR E 427 -11.80 -47.67 3.63
CA TYR E 427 -10.44 -48.20 3.74
C TYR E 427 -10.03 -48.37 5.21
N THR E 428 -10.38 -47.41 6.06
CA THR E 428 -10.03 -47.51 7.47
C THR E 428 -10.70 -48.71 8.13
N LEU E 429 -11.97 -48.96 7.81
CA LEU E 429 -12.66 -50.11 8.38
C LEU E 429 -12.16 -51.42 7.78
N LEU E 430 -11.91 -51.42 6.46
CA LEU E 430 -11.45 -52.65 5.81
C LEU E 430 -10.10 -53.09 6.33
N MET E 431 -9.19 -52.14 6.59
CA MET E 431 -7.89 -52.50 7.14
C MET E 431 -8.02 -53.22 8.48
N ILE E 432 -8.94 -52.76 9.32
CA ILE E 432 -9.17 -53.45 10.60
C ILE E 432 -9.86 -54.79 10.36
N ILE E 433 -10.85 -54.82 9.48
CA ILE E 433 -11.60 -56.05 9.23
C ILE E 433 -10.71 -57.08 8.54
N ARG E 434 -9.96 -56.65 7.52
CA ARG E 434 -9.11 -57.58 6.79
C ARG E 434 -7.97 -58.13 7.66
N ALA E 435 -7.48 -57.32 8.60
CA ALA E 435 -6.41 -57.79 9.48
C ALA E 435 -6.88 -58.96 10.35
N ALA E 436 -8.13 -58.91 10.81
CA ALA E 436 -8.65 -59.96 11.67
C ALA E 436 -8.72 -61.30 10.95
N CYS E 437 -9.20 -61.30 9.71
CA CYS E 437 -9.35 -62.53 8.94
C CYS E 437 -8.22 -62.74 7.94
N HIS E 438 -7.20 -61.88 7.95
CA HIS E 438 -6.02 -62.04 7.10
C HIS E 438 -6.37 -62.13 5.62
N GLY E 439 -7.36 -61.34 5.19
CA GLY E 439 -7.73 -61.26 3.80
C GLY E 439 -8.64 -62.37 3.31
N HIS E 440 -8.99 -63.34 4.15
CA HIS E 440 -9.85 -64.42 3.72
C HIS E 440 -11.29 -63.97 3.58
N CYS E 441 -11.76 -63.10 4.48
CA CYS E 441 -13.13 -62.64 4.49
C CYS E 441 -13.34 -61.37 3.67
N VAL E 442 -12.29 -60.77 3.13
CA VAL E 442 -12.38 -59.54 2.36
C VAL E 442 -12.00 -59.85 0.92
N PRO E 443 -12.90 -59.60 -0.05
CA PRO E 443 -12.54 -59.81 -1.45
C PRO E 443 -11.36 -58.94 -1.87
N ASP E 444 -10.54 -59.49 -2.77
CA ASP E 444 -9.33 -58.79 -3.19
C ASP E 444 -9.66 -57.48 -3.90
N TYR E 445 -10.68 -57.49 -4.76
CA TYR E 445 -11.05 -56.27 -5.49
C TYR E 445 -11.72 -55.23 -4.60
N TRP E 446 -12.23 -55.64 -3.44
CA TRP E 446 -12.79 -54.65 -2.50
C TRP E 446 -11.68 -53.82 -1.87
N TYR E 447 -10.52 -54.43 -1.60
CA TYR E 447 -9.41 -53.71 -0.99
C TYR E 447 -8.91 -52.58 -1.89
N GLU E 448 -8.75 -52.88 -3.19
CA GLU E 448 -8.25 -51.86 -4.11
C GLU E 448 -9.24 -50.71 -4.27
N THR E 449 -10.54 -51.03 -4.33
CA THR E 449 -11.55 -49.99 -4.50
C THR E 449 -11.53 -49.00 -3.34
N SER E 450 -11.44 -49.50 -2.10
CA SER E 450 -11.30 -48.62 -0.95
C SER E 450 -9.94 -47.95 -0.91
N PHE E 451 -8.91 -48.60 -1.47
CA PHE E 451 -7.58 -48.00 -1.47
C PHE E 451 -7.54 -46.73 -2.30
N TRP E 452 -8.21 -46.72 -3.44
CA TRP E 452 -8.24 -45.55 -4.32
C TRP E 452 -9.21 -44.48 -3.85
N LEU E 453 -10.07 -44.78 -2.86
CA LEU E 453 -10.96 -43.74 -2.34
C LEU E 453 -10.19 -42.66 -1.59
N LEU E 454 -9.14 -43.05 -0.85
CA LEU E 454 -8.31 -42.06 -0.17
C LEU E 454 -7.64 -41.13 -1.17
N TRP E 455 -7.11 -41.69 -2.26
CA TRP E 455 -6.49 -40.84 -3.29
C TRP E 455 -7.54 -40.03 -4.05
N ALA E 456 -8.77 -40.55 -4.15
CA ALA E 456 -9.85 -39.76 -4.74
C ALA E 456 -10.17 -38.54 -3.88
N ASN E 457 -9.93 -38.63 -2.57
CA ASN E 457 -10.16 -37.49 -1.69
C ASN E 457 -9.21 -36.34 -2.01
N SER E 458 -8.01 -36.65 -2.52
CA SER E 458 -7.06 -35.61 -2.87
C SER E 458 -7.48 -34.84 -4.12
N ALA E 459 -8.42 -35.36 -4.90
CA ALA E 459 -8.93 -34.66 -6.06
C ALA E 459 -10.21 -33.88 -5.77
N VAL E 460 -10.96 -34.26 -4.73
CA VAL E 460 -12.16 -33.53 -4.36
C VAL E 460 -11.86 -32.37 -3.42
N ASN E 461 -10.76 -32.44 -2.67
CA ASN E 461 -10.41 -31.36 -1.75
C ASN E 461 -10.27 -30.00 -2.44
N PRO E 462 -9.59 -29.88 -3.59
CA PRO E 462 -9.58 -28.58 -4.27
C PRO E 462 -10.96 -28.07 -4.64
N VAL E 463 -11.90 -28.97 -4.95
CA VAL E 463 -13.25 -28.54 -5.27
C VAL E 463 -13.97 -28.02 -4.04
N LEU E 464 -13.72 -28.63 -2.87
CA LEU E 464 -14.49 -28.27 -1.68
C LEU E 464 -13.95 -26.99 -1.02
N TYR E 465 -12.74 -27.05 -0.47
CA TYR E 465 -12.26 -25.97 0.40
C TYR E 465 -11.83 -24.74 -0.39
N PRO E 466 -10.89 -24.82 -1.34
CA PRO E 466 -10.45 -23.59 -2.01
C PRO E 466 -11.48 -23.02 -2.97
N LEU E 467 -12.12 -23.88 -3.77
CA LEU E 467 -13.05 -23.38 -4.78
C LEU E 467 -14.24 -22.68 -4.15
N CYS E 468 -14.78 -23.23 -3.07
CA CYS E 468 -15.89 -22.57 -2.37
C CYS E 468 -15.44 -21.36 -1.56
N HIS E 469 -14.14 -21.20 -1.33
CA HIS E 469 -13.64 -20.04 -0.62
C HIS E 469 -13.76 -18.80 -1.50
N HIS E 470 -14.28 -17.70 -0.94
CA HIS E 470 -14.51 -16.51 -1.73
C HIS E 470 -13.20 -15.88 -2.19
N SER E 471 -12.20 -15.82 -1.31
CA SER E 471 -10.94 -15.19 -1.65
C SER E 471 -10.21 -15.95 -2.76
N PHE E 472 -10.18 -17.28 -2.67
CA PHE E 472 -9.53 -18.08 -3.70
C PHE E 472 -10.31 -18.07 -5.01
N ARG E 473 -11.63 -17.92 -4.92
CA ARG E 473 -12.48 -17.90 -6.13
C ARG E 473 -12.09 -16.69 -6.99
N ARG E 474 -11.90 -15.53 -6.37
CA ARG E 474 -11.48 -14.33 -7.09
C ARG E 474 -10.10 -14.51 -7.71
N ALA E 475 -9.18 -15.14 -6.99
CA ALA E 475 -7.84 -15.36 -7.51
C ALA E 475 -7.86 -16.26 -8.74
N PHE E 476 -8.72 -17.27 -8.74
CA PHE E 476 -8.86 -18.13 -9.91
C PHE E 476 -9.37 -17.35 -11.12
N THR E 477 -10.36 -16.47 -10.91
CA THR E 477 -10.86 -15.64 -12.00
C THR E 477 -9.78 -14.66 -12.48
N LYS E 478 -8.99 -14.11 -11.56
CA LYS E 478 -7.92 -13.19 -11.94
C LYS E 478 -6.89 -13.90 -12.81
N LEU E 479 -6.50 -15.13 -12.44
CA LEU E 479 -5.54 -15.86 -13.24
C LEU E 479 -6.17 -16.40 -14.53
N LEU E 480 -7.46 -16.69 -14.50
CA LEU E 480 -8.15 -17.19 -15.69
C LEU E 480 -9.65 -16.93 -15.59
C10 A1LY3 F . -3.09 -45.00 6.97
C13 A1LY3 F . -6.55 -45.88 8.25
C15 A1LY3 F . -4.99 -47.43 9.19
C01 A1LY3 F . -2.91 -43.77 4.98
C02 A1LY3 F . -3.23 -44.88 3.99
C03 A1LY3 F . -2.36 -44.83 2.75
C04 A1LY3 F . -3.19 -44.96 1.47
C05 A1LY3 F . -4.30 -45.77 1.29
C07 A1LY3 F . -3.95 -44.70 -0.52
C11 A1LY3 F . -4.22 -45.70 7.71
C12 A1LY3 F . -5.52 -45.24 7.57
C14 A1LY3 F . -6.29 -46.97 9.05
C16 A1LY3 F . -3.95 -46.79 8.52
N06 A1LY3 F . -4.73 -45.58 0.06
N08 A1LY3 F . -3.02 -44.32 0.34
O09 A1LY3 F . -3.65 -44.01 6.15
C1 CLR G . -10.25 -52.70 -10.63
C2 CLR G . -9.80 -54.07 -10.09
C3 CLR G . -8.32 -54.28 -10.40
C4 CLR G . -7.50 -53.24 -9.64
C5 CLR G . -8.00 -51.86 -10.03
C6 CLR G . -7.12 -50.97 -10.41
C7 CLR G . -7.48 -49.58 -10.82
C8 CLR G . -8.81 -49.18 -10.17
C9 CLR G . -9.87 -50.23 -10.52
C10 CLR G . -9.47 -51.58 -9.94
C11 CLR G . -11.26 -49.83 -10.03
C12 CLR G . -11.67 -48.43 -10.51
C13 CLR G . -10.61 -47.41 -10.12
C14 CLR G . -9.26 -47.84 -10.75
C15 CLR G . -8.36 -46.64 -10.45
C16 CLR G . -9.31 -45.44 -10.73
C17 CLR G . -10.75 -45.98 -10.66
C18 CLR G . -10.43 -47.36 -8.60
C19 CLR G . -9.85 -51.58 -8.45
C20 CLR G . -11.63 -45.12 -9.74
C21 CLR G . -13.07 -45.11 -10.26
C22 CLR G . -11.08 -43.69 -9.64
C23 CLR G . -11.76 -42.76 -10.67
C24 CLR G . -11.11 -41.38 -10.60
C25 CLR G . -12.07 -40.33 -11.14
C26 CLR G . -11.38 -38.96 -11.20
C27 CLR G . -12.52 -40.72 -12.55
O1 CLR G . -7.93 -55.59 -9.97
C1 CLR H . 7.78 -22.84 5.34
C2 CLR H . 7.34 -21.49 5.91
C3 CLR H . 6.39 -20.80 4.93
C4 CLR H . 5.11 -21.63 4.83
C5 CLR H . 5.49 -23.02 4.37
C6 CLR H . 4.86 -23.51 3.35
C7 CLR H . 5.13 -24.88 2.78
C8 CLR H . 5.83 -25.78 3.81
C9 CLR H . 7.02 -25.04 4.43
C10 CLR H . 6.57 -23.76 5.12
C11 CLR H . 7.78 -25.94 5.40
C12 CLR H . 8.26 -27.24 4.74
C13 CLR H . 7.08 -27.95 4.07
C14 CLR H . 6.41 -26.98 3.07
C15 CLR H . 5.41 -27.88 2.37
C16 CLR H . 6.26 -29.15 2.10
C17 CLR H . 7.40 -29.14 3.15
C18 CLR H . 6.04 -28.36 5.11
C19 CLR H . 6.00 -24.14 6.49
C20 CLR H . 7.45 -30.47 3.92
C21 CLR H . 8.88 -30.75 4.35
C22 CLR H . 6.91 -31.60 3.02
C23 CLR H . 7.81 -32.84 3.03
C24 CLR H . 7.42 -33.73 1.85
C25 CLR H . 8.27 -35.01 1.88
C26 CLR H . 7.89 -35.89 0.69
C27 CLR H . 9.75 -34.65 1.79
O1 CLR H . 6.08 -19.49 5.40
C1 CLR I . -4.68 -28.01 18.15
C2 CLR I . -4.89 -26.50 18.12
C3 CLR I . -3.73 -25.85 17.36
C4 CLR I . -3.84 -26.26 15.90
C5 CLR I . -3.79 -27.78 15.81
C6 CLR I . -2.99 -28.31 14.95
C7 CLR I . -2.82 -29.80 14.74
C8 CLR I . -3.95 -30.61 15.40
C9 CLR I . -4.28 -30.05 16.79
C10 CLR I . -4.67 -28.58 16.73
C11 CLR I . -5.36 -30.87 17.46
C12 CLR I . -4.92 -32.34 17.62
C13 CLR I . -4.54 -32.92 16.26
C14 CLR I . -3.45 -32.02 15.62
C15 CLR I . -3.09 -32.82 14.35
C16 CLR I . -3.03 -34.27 14.90
C17 CLR I . -3.85 -34.29 16.22
C18 CLR I . -5.76 -32.92 15.31
C19 CLR I . -6.10 -28.51 16.17
C20 CLR I . -4.82 -35.49 16.20
C21 CLR I . -5.47 -35.73 17.57
C22 CLR I . -4.03 -36.75 15.83
C23 CLR I . -3.12 -37.16 16.99
C24 CLR I . -2.28 -38.37 16.60
C25 CLR I . -0.80 -38.03 16.70
C26 CLR I . -0.01 -39.26 17.13
C27 CLR I . -0.30 -37.55 15.34
O1 CLR I . -3.81 -24.43 17.47
C1 CLR J . 7.05 -21.12 -1.24
C2 CLR J . 6.43 -19.87 -0.62
C3 CLR J . 5.36 -19.30 -1.57
C4 CLR J . 4.22 -20.32 -1.69
C5 CLR J . 4.80 -21.65 -2.17
C6 CLR J . 4.23 -22.22 -3.19
C7 CLR J . 4.70 -23.53 -3.75
C8 CLR J . 5.50 -24.32 -2.71
C9 CLR J . 6.59 -23.42 -2.12
C10 CLR J . 5.98 -22.20 -1.44
C11 CLR J . 7.48 -24.19 -1.15
C12 CLR J . 8.09 -25.45 -1.79
C13 CLR J . 6.99 -26.33 -2.37
C14 CLR J . 6.20 -25.48 -3.40
C15 CLR J . 5.28 -26.54 -4.02
C16 CLR J . 6.24 -27.74 -4.22
C17 CLR J . 7.41 -27.54 -3.22
C18 CLR J . 6.03 -26.78 -1.27
C19 CLR J . 5.49 -22.65 -0.06
C20 CLR J . 7.61 -28.81 -2.37
C21 CLR J . 9.03 -28.84 -1.77
C22 CLR J . 7.42 -30.07 -3.24
C23 CLR J . 8.67 -30.36 -4.06
C24 CLR J . 8.61 -31.79 -4.59
C25 CLR J . 8.80 -32.78 -3.44
C26 CLR J . 8.72 -34.20 -3.96
C27 CLR J . 10.17 -32.55 -2.79
O1 CLR J . 4.87 -18.07 -1.04
C1 CLR K . 15.39 -44.31 2.08
C2 CLR K . 15.44 -45.81 1.71
C3 CLR K . 16.27 -46.56 2.75
C4 CLR K . 15.55 -46.50 4.09
C5 CLR K . 15.32 -45.04 4.45
C6 CLR K . 15.68 -44.63 5.63
C7 CLR K . 15.51 -43.22 6.11
C8 CLR K . 14.39 -42.54 5.33
C9 CLR K . 14.67 -42.68 3.83
C10 CLR K . 14.68 -44.14 3.43
C11 CLR K . 13.65 -41.90 2.99
C12 CLR K . 13.53 -40.43 3.41
C13 CLR K . 13.24 -40.34 4.91
C14 CLR K . 14.38 -41.05 5.67
C15 CLR K . 14.06 -40.70 7.13
C16 CLR K . 13.66 -39.20 7.04
C17 CLR K . 13.26 -38.95 5.55
C18 CLR K . 11.91 -41.04 5.25
C19 CLR K . 13.23 -44.60 3.27
C20 CLR K . 11.89 -38.26 5.46
C21 CLR K . 11.85 -37.37 4.21
C22 CLR K . 11.65 -37.38 6.70
C23 CLR K . 10.35 -36.61 6.56
C24 CLR K . 10.13 -35.73 7.79
C25 CLR K . 8.86 -34.90 7.64
C26 CLR K . 8.59 -34.13 8.93
C27 CLR K . 9.02 -33.92 6.47
O1 CLR K . 16.39 -47.93 2.35
#